data_3W7O
#
_entry.id   3W7O
#
_cell.length_a   67.965
_cell.length_b   71.877
_cell.length_c   129.042
_cell.angle_alpha   90.00
_cell.angle_beta   90.00
_cell.angle_gamma   90.00
#
_symmetry.space_group_name_H-M   'P 21 21 21'
#
loop_
_entity.id
_entity.type
_entity.pdbx_description
1 polymer 'Dihydroorotate dehydrogenase (fumarate)'
2 non-polymer '5-[2-(3-carboxyphenyl)ethyl]-2,6-dioxo-1,2,3,6-tetrahydropyrimidine-4-carboxylic acid'
3 non-polymer GLYCEROL
4 non-polymer 'FLAVIN MONONUCLEOTIDE'
5 non-polymer 'COBALT HEXAMMINE(III)'
6 water water
#
_entity_poly.entity_id   1
_entity_poly.type   'polypeptide(L)'
_entity_poly.pdbx_seq_one_letter_code
;MCLKLNLLDHVFANPFMNAAGVLCSTEEDLRCMTASSSGALVSKSCTSAPRDGNPEPRYMAFPLGSINSMGLPNLGFDFY
LKYASDLHDYSKKPLFLSISGLSVEENVAMVRRLAPVAQEKGVLLELNLSCPNVPGKPQVAYDFEAMRTYLQQVSLAYGL
PFGVKMPPYFDIAHFDTAAAVLNEFPLVKFVTCVNSVGNGLVIDAESESVVIKPKQGFGGLGGKYILPTALANVNAFYRR
CPDKLVFGCGGVYSGEDAFLHILAGASMVQVGTALQEEGPGIFTRLEDELLEIMARKGYRTLEEFRGRVKTIE
;
_entity_poly.pdbx_strand_id   A,B
#
# COMPACT_ATOMS: atom_id res chain seq x y z
N MET A 1 16.60 32.85 1.65
CA MET A 1 16.01 31.52 1.55
C MET A 1 15.99 31.06 0.12
N CYS A 2 16.38 29.81 -0.14
CA CYS A 2 16.38 29.31 -1.52
C CYS A 2 15.81 27.91 -1.67
N LEU A 3 15.16 27.68 -2.81
CA LEU A 3 14.77 26.35 -3.22
C LEU A 3 15.67 25.70 -4.29
N LYS A 4 16.76 26.38 -4.66
CA LYS A 4 17.61 25.94 -5.77
C LYS A 4 18.24 24.61 -5.43
N LEU A 5 18.37 23.76 -6.42
CA LEU A 5 19.14 22.56 -6.25
C LEU A 5 20.24 22.39 -7.41
N ASN A 6 21.28 21.78 -7.31
N ASN A 6 21.44 21.77 -7.34
CA ASN A 6 22.19 21.35 -8.34
CA ASN A 6 22.27 21.49 -8.43
C ASN A 6 22.42 19.89 -8.17
C ASN A 6 22.55 20.06 -8.20
N LEU A 7 22.05 19.12 -9.10
CA LEU A 7 22.18 17.55 -9.20
C LEU A 7 22.20 17.08 -10.59
N LEU A 8 22.90 15.98 -10.72
CA LEU A 8 22.99 15.28 -11.94
C LEU A 8 23.61 16.33 -12.98
N ASP A 9 24.48 17.21 -12.67
N ASP A 9 24.48 17.34 -12.70
CA ASP A 9 25.01 18.24 -13.56
CA ASP A 9 25.00 18.28 -13.63
C ASP A 9 23.97 19.16 -14.21
C ASP A 9 23.92 19.14 -14.27
N HIS A 10 22.84 19.37 -13.51
CA HIS A 10 21.83 20.35 -13.90
C HIS A 10 21.52 21.22 -12.77
N VAL A 11 20.93 22.38 -13.09
CA VAL A 11 20.47 23.33 -12.11
C VAL A 11 18.96 23.40 -12.18
N PHE A 12 18.36 23.45 -11.01
CA PHE A 12 16.95 23.41 -10.84
C PHE A 12 16.50 24.56 -9.97
N ALA A 13 15.54 25.37 -10.43
CA ALA A 13 15.07 26.51 -9.64
C ALA A 13 14.44 26.12 -8.27
N ASN A 14 13.85 24.95 -8.29
CA ASN A 14 13.13 24.45 -7.13
C ASN A 14 12.98 22.93 -7.35
N PRO A 15 12.63 22.20 -6.30
CA PRO A 15 12.58 20.72 -6.45
C PRO A 15 11.35 20.13 -7.14
N PHE A 16 10.42 20.95 -7.48
CA PHE A 16 9.05 20.40 -7.92
C PHE A 16 9.05 20.08 -9.38
N MET A 17 8.36 18.98 -9.71
CA MET A 17 8.18 18.58 -11.09
C MET A 17 6.87 17.80 -11.16
N ASN A 18 6.32 17.63 -12.38
CA ASN A 18 5.21 16.63 -12.53
C ASN A 18 5.73 15.21 -12.27
N ALA A 19 4.83 14.29 -11.86
CA ALA A 19 5.04 12.90 -11.87
C ALA A 19 4.74 12.35 -13.29
N ALA A 20 5.50 11.37 -13.75
CA ALA A 20 5.29 10.86 -15.08
C ALA A 20 3.83 10.42 -15.24
N GLY A 21 3.29 10.76 -16.38
CA GLY A 21 1.92 10.43 -16.67
C GLY A 21 0.98 11.58 -16.54
N VAL A 22 1.34 12.57 -15.74
CA VAL A 22 0.43 13.68 -15.55
C VAL A 22 0.89 14.95 -16.30
N LEU A 23 0.04 15.49 -17.13
CA LEU A 23 0.36 16.73 -17.83
C LEU A 23 1.65 16.62 -18.61
N CYS A 24 1.79 15.50 -19.27
CA CYS A 24 3.00 15.30 -20.06
C CYS A 24 2.94 14.40 -21.28
N SER A 25 1.76 14.17 -21.81
CA SER A 25 1.59 13.29 -22.94
C SER A 25 1.75 13.89 -24.35
N THR A 26 1.32 15.12 -24.49
CA THR A 26 1.33 15.78 -25.77
C THR A 26 2.30 16.96 -25.75
N GLU A 27 2.59 17.47 -26.93
CA GLU A 27 3.45 18.60 -27.04
C GLU A 27 2.83 19.77 -26.26
N GLU A 28 1.53 19.96 -26.43
CA GLU A 28 0.80 20.95 -25.63
C GLU A 28 1.07 20.78 -24.13
N ASP A 29 0.91 19.56 -23.63
CA ASP A 29 1.20 19.28 -22.20
C ASP A 29 2.60 19.68 -21.81
N LEU A 30 3.59 19.31 -22.62
CA LEU A 30 4.99 19.53 -22.23
C LEU A 30 5.33 21.02 -22.30
N ARG A 31 4.74 21.74 -23.28
CA ARG A 31 4.80 23.20 -23.32
C ARG A 31 4.20 23.86 -22.09
N CYS A 32 3.09 23.31 -21.63
CA CYS A 32 2.43 23.81 -20.43
C CYS A 32 3.31 23.60 -19.21
N MET A 33 3.82 22.38 -19.06
CA MET A 33 4.68 22.09 -17.89
C MET A 33 5.94 23.04 -18.00
N THR A 34 6.46 23.23 -19.21
CA THR A 34 7.64 24.11 -19.33
C THR A 34 7.30 25.56 -18.90
N ALA A 35 6.11 26.08 -19.26
CA ALA A 35 5.68 27.39 -18.92
C ALA A 35 5.39 27.59 -17.43
N SER A 36 5.13 26.49 -16.73
CA SER A 36 4.80 26.52 -15.32
C SER A 36 6.00 26.92 -14.42
N SER A 37 5.77 27.11 -13.14
N SER A 37 5.76 27.08 -13.14
CA SER A 37 6.91 27.45 -12.27
CA SER A 37 6.87 27.43 -12.24
C SER A 37 7.59 26.20 -11.72
C SER A 37 7.63 26.21 -11.74
N SER A 38 7.29 25.00 -12.21
CA SER A 38 8.04 23.81 -11.76
C SER A 38 9.55 23.91 -12.04
N GLY A 39 10.34 23.24 -11.24
CA GLY A 39 11.79 23.25 -11.46
C GLY A 39 12.25 22.29 -12.55
N ALA A 40 11.39 21.31 -12.92
CA ALA A 40 11.68 20.38 -14.04
C ALA A 40 10.41 19.79 -14.56
N LEU A 41 10.50 19.04 -15.63
CA LEU A 41 9.35 18.20 -16.07
C LEU A 41 9.85 16.86 -16.52
N VAL A 42 8.93 15.91 -16.55
CA VAL A 42 9.18 14.56 -17.08
C VAL A 42 8.10 14.22 -18.15
N SER A 43 8.51 13.59 -19.23
CA SER A 43 7.51 13.23 -20.26
C SER A 43 6.81 11.98 -19.90
N LYS A 44 5.63 11.71 -20.46
CA LYS A 44 4.90 10.50 -20.29
C LYS A 44 5.73 9.28 -20.65
N SER A 45 5.66 8.25 -19.81
CA SER A 45 6.28 6.94 -20.08
C SER A 45 5.88 6.50 -21.45
N CYS A 46 6.90 6.17 -22.27
CA CYS A 46 6.66 5.80 -23.65
C CYS A 46 7.09 4.36 -23.97
N THR A 47 6.49 3.94 -25.07
CA THR A 47 6.77 2.69 -25.73
C THR A 47 7.31 2.96 -27.13
N SER A 48 7.89 1.95 -27.76
CA SER A 48 8.37 2.06 -29.13
C SER A 48 7.32 2.58 -30.09
N ALA A 49 6.15 1.99 -30.03
CA ALA A 49 5.01 2.42 -30.86
C ALA A 49 3.99 3.22 -30.05
N PRO A 50 3.25 4.07 -30.73
CA PRO A 50 2.19 4.81 -30.08
C PRO A 50 1.13 3.83 -29.55
N ARG A 51 0.54 4.18 -28.41
CA ARG A 51 -0.53 3.42 -27.83
C ARG A 51 -1.71 4.28 -27.48
N ASP A 52 -2.90 3.75 -27.77
CA ASP A 52 -4.17 4.34 -27.38
C ASP A 52 -4.50 4.25 -25.90
N GLY A 53 -4.01 3.17 -25.32
CA GLY A 53 -4.23 2.85 -23.94
C GLY A 53 -5.58 2.18 -23.77
N ASN A 54 -5.98 2.09 -22.51
CA ASN A 54 -7.20 1.43 -22.13
C ASN A 54 -8.46 2.26 -22.39
N PRO A 55 -9.58 1.43 -22.45
CA PRO A 55 -10.85 2.15 -22.57
C PRO A 55 -11.22 2.99 -21.37
N GLU A 56 -12.05 3.99 -21.61
CA GLU A 56 -12.48 4.95 -20.58
C GLU A 56 -13.77 4.51 -19.97
N PRO A 57 -14.05 4.92 -18.73
CA PRO A 57 -13.18 5.71 -17.82
C PRO A 57 -12.02 4.91 -17.30
N ARG A 58 -10.83 5.55 -17.26
CA ARG A 58 -9.60 4.85 -16.85
C ARG A 58 -8.83 5.59 -15.78
N TYR A 59 -9.28 6.78 -15.44
CA TYR A 59 -8.84 7.59 -14.30
C TYR A 59 -9.99 8.21 -13.61
N MET A 60 -9.95 8.17 -12.28
CA MET A 60 -10.93 8.90 -11.45
C MET A 60 -10.29 9.39 -10.19
N ALA A 61 -10.72 10.57 -9.77
CA ALA A 61 -10.23 11.20 -8.58
C ALA A 61 -11.34 11.52 -7.58
N PHE A 62 -10.91 11.62 -6.35
CA PHE A 62 -11.81 11.65 -5.15
C PHE A 62 -11.06 12.45 -4.11
N PRO A 63 -11.78 12.85 -3.02
CA PRO A 63 -11.09 13.66 -1.99
C PRO A 63 -9.73 13.13 -1.48
N LEU A 64 -9.63 11.83 -1.34
CA LEU A 64 -8.40 11.24 -0.77
C LEU A 64 -7.39 10.75 -1.82
N GLY A 65 -7.70 10.91 -3.11
CA GLY A 65 -6.70 10.59 -4.17
C GLY A 65 -7.28 10.07 -5.40
N SER A 66 -6.58 9.24 -6.16
CA SER A 66 -7.01 8.85 -7.48
C SER A 66 -6.72 7.32 -7.68
N ILE A 67 -7.36 6.75 -8.70
CA ILE A 67 -7.15 5.42 -9.19
C ILE A 67 -7.05 5.47 -10.68
N ASN A 68 -6.13 4.72 -11.26
CA ASN A 68 -5.99 4.71 -12.72
C ASN A 68 -5.54 3.32 -13.23
N SER A 69 -6.05 2.98 -14.41
N SER A 69 -6.03 3.00 -14.42
CA SER A 69 -5.51 1.92 -15.25
CA SER A 69 -5.50 1.91 -15.22
C SER A 69 -5.48 2.49 -16.65
C SER A 69 -5.47 2.47 -16.64
N MET A 70 -4.54 3.38 -16.89
CA MET A 70 -4.54 4.09 -18.13
C MET A 70 -4.14 3.18 -19.30
N GLY A 71 -3.26 2.20 -19.07
CA GLY A 71 -2.81 1.28 -20.14
C GLY A 71 -1.66 1.86 -20.94
N LEU A 72 -0.90 2.77 -20.38
CA LEU A 72 0.25 3.31 -21.05
C LEU A 72 -0.08 3.97 -22.41
N PRO A 73 -1.13 4.78 -22.46
CA PRO A 73 -1.33 5.59 -23.67
C PRO A 73 -0.20 6.62 -23.90
N ASN A 74 0.34 6.71 -25.11
CA ASN A 74 1.44 7.64 -25.32
C ASN A 74 1.64 7.81 -26.81
N LEU A 75 2.41 8.84 -27.15
CA LEU A 75 2.57 9.19 -28.58
C LEU A 75 3.72 8.43 -29.24
N GLY A 76 4.40 7.59 -28.48
CA GLY A 76 5.50 6.75 -29.04
C GLY A 76 6.84 7.43 -28.86
N PHE A 77 7.87 6.62 -28.73
CA PHE A 77 9.20 7.07 -28.40
C PHE A 77 9.63 8.12 -29.38
N ASP A 78 9.40 7.95 -30.68
CA ASP A 78 9.98 8.90 -31.61
C ASP A 78 9.50 10.33 -31.27
N PHE A 79 8.23 10.48 -30.97
CA PHE A 79 7.71 11.75 -30.54
C PHE A 79 8.44 12.34 -29.35
N TYR A 80 8.62 11.61 -28.25
CA TYR A 80 9.31 12.18 -27.07
C TYR A 80 10.79 12.45 -27.33
N LEU A 81 11.39 11.60 -28.15
CA LEU A 81 12.81 11.86 -28.56
C LEU A 81 12.96 13.13 -29.35
N LYS A 82 12.03 13.38 -30.27
CA LYS A 82 12.01 14.66 -31.05
C LYS A 82 11.76 15.86 -30.16
N TYR A 83 10.89 15.68 -29.16
CA TYR A 83 10.63 16.74 -28.20
C TYR A 83 11.97 17.08 -27.49
N ALA A 84 12.63 16.05 -27.00
CA ALA A 84 13.87 16.27 -26.27
C ALA A 84 14.99 16.82 -27.20
N SER A 85 15.02 16.36 -28.45
N SER A 85 15.02 16.35 -28.45
CA SER A 85 16.14 16.70 -29.34
CA SER A 85 16.11 16.73 -29.36
C SER A 85 15.89 18.07 -30.03
C SER A 85 15.88 18.11 -29.98
N ASP A 86 14.65 18.42 -30.33
CA ASP A 86 14.38 19.55 -31.16
C ASP A 86 13.46 20.61 -30.58
N LEU A 87 12.58 20.30 -29.63
CA LEU A 87 11.53 21.24 -29.23
C LEU A 87 11.73 21.85 -27.86
N HIS A 88 12.26 21.05 -26.93
CA HIS A 88 12.33 21.52 -25.55
C HIS A 88 13.33 22.68 -25.44
N ASP A 89 12.94 23.71 -24.67
CA ASP A 89 13.84 24.82 -24.36
C ASP A 89 14.51 24.52 -23.04
N TYR A 90 15.72 24.03 -23.10
CA TYR A 90 16.52 23.68 -21.97
C TYR A 90 16.97 24.92 -21.13
N SER A 91 16.80 26.13 -21.66
CA SER A 91 17.12 27.34 -20.89
C SER A 91 16.00 27.59 -19.86
N LYS A 92 14.82 26.95 -20.02
CA LYS A 92 13.75 27.18 -19.10
C LYS A 92 13.94 26.27 -17.90
N LYS A 93 14.10 24.98 -18.14
CA LYS A 93 14.34 24.00 -17.10
C LYS A 93 14.77 22.65 -17.64
N PRO A 94 15.30 21.78 -16.78
CA PRO A 94 15.65 20.46 -17.24
C PRO A 94 14.49 19.58 -17.58
N LEU A 95 14.74 18.67 -18.48
CA LEU A 95 13.79 17.64 -18.97
C LEU A 95 14.26 16.25 -18.66
N PHE A 96 13.36 15.44 -18.06
CA PHE A 96 13.44 14.07 -17.96
C PHE A 96 12.54 13.35 -18.98
N LEU A 97 13.00 12.23 -19.54
CA LEU A 97 12.24 11.46 -20.47
C LEU A 97 12.04 10.13 -19.79
N SER A 98 10.77 9.72 -19.63
CA SER A 98 10.42 8.44 -18.98
C SER A 98 10.16 7.36 -20.05
N ILE A 99 10.83 6.23 -19.92
CA ILE A 99 10.55 5.13 -20.87
C ILE A 99 9.95 3.97 -20.12
N SER A 100 9.06 3.23 -20.78
CA SER A 100 8.47 2.10 -20.12
C SER A 100 8.14 1.01 -21.17
N GLY A 101 9.20 0.49 -21.80
CA GLY A 101 9.06 -0.64 -22.72
C GLY A 101 8.43 -1.85 -22.09
N LEU A 102 7.70 -2.58 -22.93
CA LEU A 102 6.98 -3.77 -22.53
C LEU A 102 7.83 -5.05 -22.44
N SER A 103 9.11 -4.95 -22.78
CA SER A 103 10.08 -6.02 -22.69
C SER A 103 11.45 -5.38 -22.57
N VAL A 104 12.42 -6.14 -22.08
CA VAL A 104 13.75 -5.62 -21.98
C VAL A 104 14.23 -5.23 -23.35
N GLU A 105 13.90 -5.98 -24.39
CA GLU A 105 14.40 -5.64 -25.70
C GLU A 105 13.92 -4.26 -26.21
N GLU A 106 12.67 -3.97 -25.95
CA GLU A 106 12.06 -2.71 -26.30
C GLU A 106 12.77 -1.55 -25.56
N ASN A 107 13.08 -1.75 -24.28
CA ASN A 107 13.80 -0.72 -23.54
C ASN A 107 15.21 -0.48 -24.10
N VAL A 108 15.90 -1.57 -24.42
CA VAL A 108 17.22 -1.45 -24.97
C VAL A 108 17.17 -0.64 -26.29
N ALA A 109 16.21 -0.93 -27.10
CA ALA A 109 16.11 -0.29 -28.39
C ALA A 109 15.91 1.22 -28.23
N MET A 110 15.06 1.58 -27.30
CA MET A 110 14.84 2.99 -27.06
C MET A 110 16.07 3.69 -26.45
N VAL A 111 16.67 3.09 -25.45
CA VAL A 111 17.80 3.75 -24.78
C VAL A 111 19.01 3.94 -25.72
N ARG A 112 19.14 3.03 -26.65
CA ARG A 112 20.27 3.13 -27.59
C ARG A 112 20.19 4.40 -28.40
N ARG A 113 18.97 4.71 -28.78
CA ARG A 113 18.65 5.89 -29.53
C ARG A 113 18.52 7.21 -28.70
N LEU A 114 18.17 7.07 -27.44
CA LEU A 114 18.15 8.21 -26.52
C LEU A 114 19.55 8.75 -26.23
N ALA A 115 20.50 7.83 -26.14
CA ALA A 115 21.80 8.15 -25.58
C ALA A 115 22.49 9.34 -26.24
N PRO A 116 22.52 9.34 -27.64
CA PRO A 116 23.24 10.50 -28.23
C PRO A 116 22.57 11.86 -27.90
N VAL A 117 21.26 11.84 -27.78
CA VAL A 117 20.47 13.04 -27.44
C VAL A 117 20.70 13.42 -25.98
N ALA A 118 20.76 12.43 -25.09
CA ALA A 118 21.09 12.68 -23.70
C ALA A 118 22.44 13.30 -23.59
N GLN A 119 23.40 12.75 -24.33
CA GLN A 119 24.74 13.33 -24.37
C GLN A 119 24.80 14.76 -24.90
N GLU A 120 24.14 15.04 -25.99
N GLU A 120 24.16 15.01 -26.03
CA GLU A 120 24.19 16.33 -26.60
CA GLU A 120 24.12 16.32 -26.63
C GLU A 120 23.26 17.42 -26.03
C GLU A 120 23.34 17.35 -25.83
N LYS A 121 22.09 17.03 -25.52
CA LYS A 121 21.13 18.02 -25.01
C LYS A 121 20.97 18.00 -23.48
N GLY A 122 21.33 16.90 -22.86
CA GLY A 122 21.28 16.82 -21.40
C GLY A 122 19.93 16.28 -20.89
N VAL A 123 19.04 15.83 -21.77
CA VAL A 123 17.85 15.13 -21.31
C VAL A 123 18.19 13.99 -20.42
N LEU A 124 17.49 13.82 -19.31
CA LEU A 124 17.74 12.80 -18.36
C LEU A 124 16.71 11.62 -18.38
N LEU A 125 17.22 10.40 -18.39
CA LEU A 125 16.36 9.23 -18.49
C LEU A 125 15.80 8.84 -17.13
N GLU A 126 14.49 8.59 -17.08
CA GLU A 126 13.82 7.91 -15.95
C GLU A 126 13.24 6.60 -16.53
N LEU A 127 13.79 5.49 -16.12
CA LEU A 127 13.30 4.17 -16.58
C LEU A 127 12.25 3.63 -15.65
N ASN A 128 11.05 3.36 -16.18
CA ASN A 128 9.96 2.92 -15.32
C ASN A 128 10.00 1.39 -15.21
N LEU A 129 10.33 0.94 -14.01
CA LEU A 129 10.32 -0.48 -13.72
C LEU A 129 9.06 -1.00 -13.08
N SER A 130 8.17 -0.09 -12.75
CA SER A 130 6.90 -0.39 -12.11
C SER A 130 5.89 -0.57 -13.17
N CYS A 131 6.13 -1.57 -13.98
N CYS A 131 6.13 -1.60 -13.94
CA CYS A 131 5.34 -1.78 -15.15
CA CYS A 131 5.59 -1.78 -15.25
C CYS A 131 5.25 -3.27 -15.49
C CYS A 131 5.38 -3.29 -15.61
N PRO A 132 4.38 -3.61 -16.45
CA PRO A 132 4.26 -5.03 -16.81
C PRO A 132 5.37 -5.59 -17.64
N ASN A 133 5.59 -6.88 -17.52
CA ASN A 133 6.41 -7.67 -18.38
C ASN A 133 5.46 -8.66 -19.05
N VAL A 134 5.54 -9.91 -18.61
CA VAL A 134 4.72 -11.02 -19.15
C VAL A 134 3.39 -11.02 -18.36
N PRO A 135 2.21 -10.99 -18.98
CA PRO A 135 1.04 -11.29 -18.09
C PRO A 135 1.18 -12.63 -17.32
N GLY A 136 0.72 -12.62 -16.07
CA GLY A 136 0.86 -13.72 -15.10
C GLY A 136 2.14 -13.74 -14.32
N LYS A 137 3.06 -12.84 -14.68
CA LYS A 137 4.23 -12.57 -13.84
C LYS A 137 4.02 -11.17 -13.20
N PRO A 138 4.60 -11.00 -12.07
CA PRO A 138 4.55 -9.66 -11.41
C PRO A 138 5.17 -8.58 -12.22
N GLN A 139 4.85 -7.33 -11.91
CA GLN A 139 5.52 -6.22 -12.54
C GLN A 139 7.05 -6.36 -12.32
N VAL A 140 7.82 -5.79 -13.24
CA VAL A 140 9.26 -5.98 -13.24
C VAL A 140 9.93 -5.75 -11.92
N ALA A 141 9.59 -4.64 -11.27
CA ALA A 141 10.27 -4.31 -10.02
C ALA A 141 9.85 -5.18 -8.86
N TYR A 142 8.79 -5.97 -9.03
CA TYR A 142 8.42 -6.95 -8.06
C TYR A 142 9.02 -8.32 -8.38
N ASP A 143 9.82 -8.41 -9.42
CA ASP A 143 10.48 -9.66 -9.84
C ASP A 143 11.98 -9.32 -9.94
N PHE A 144 12.71 -9.62 -8.83
CA PHE A 144 14.07 -9.10 -8.64
C PHE A 144 15.02 -9.60 -9.68
N GLU A 145 14.85 -10.81 -10.12
CA GLU A 145 15.69 -11.25 -11.23
C GLU A 145 15.40 -10.52 -12.53
N ALA A 146 14.13 -10.26 -12.80
CA ALA A 146 13.79 -9.49 -13.99
C ALA A 146 14.37 -8.10 -13.90
N MET A 147 14.26 -7.53 -12.72
CA MET A 147 14.73 -6.19 -12.53
C MET A 147 16.24 -6.11 -12.79
N ARG A 148 16.96 -7.09 -12.29
CA ARG A 148 18.40 -7.11 -12.51
C ARG A 148 18.73 -7.20 -14.00
N THR A 149 17.99 -8.03 -14.72
CA THR A 149 18.22 -8.17 -16.15
C THR A 149 17.92 -6.87 -16.89
N TYR A 150 16.82 -6.23 -16.55
CA TYR A 150 16.52 -4.98 -17.20
C TYR A 150 17.63 -4.00 -16.97
N LEU A 151 18.12 -3.89 -15.72
CA LEU A 151 19.16 -2.89 -15.42
C LEU A 151 20.54 -3.22 -16.00
N GLN A 152 20.88 -4.51 -16.06
CA GLN A 152 22.11 -4.87 -16.75
C GLN A 152 22.08 -4.46 -18.25
N GLN A 153 20.95 -4.77 -18.89
CA GLN A 153 20.81 -4.50 -20.32
C GLN A 153 20.69 -3.03 -20.67
N VAL A 154 19.94 -2.29 -19.85
CA VAL A 154 19.84 -0.90 -20.11
C VAL A 154 21.18 -0.20 -19.74
N SER A 155 21.86 -0.60 -18.70
CA SER A 155 23.14 0.05 -18.38
C SER A 155 24.10 -0.14 -19.54
N LEU A 156 24.21 -1.35 -20.09
CA LEU A 156 25.12 -1.58 -21.20
C LEU A 156 24.71 -0.81 -22.46
N ALA A 157 23.41 -0.75 -22.75
CA ALA A 157 22.91 -0.12 -23.97
C ALA A 157 22.95 1.38 -23.94
N TYR A 158 22.80 1.93 -22.74
CA TYR A 158 22.73 3.39 -22.59
C TYR A 158 24.08 4.02 -22.30
N GLY A 159 24.70 3.51 -21.24
CA GLY A 159 26.07 3.87 -20.90
C GLY A 159 26.28 5.24 -20.27
N LEU A 160 25.20 5.83 -19.72
CA LEU A 160 25.15 7.20 -19.24
C LEU A 160 24.32 7.13 -17.94
N PRO A 161 24.54 8.11 -17.09
CA PRO A 161 23.69 8.13 -15.88
C PRO A 161 22.18 8.20 -16.18
N PHE A 162 21.41 7.42 -15.38
CA PHE A 162 19.97 7.41 -15.50
C PHE A 162 19.35 7.20 -14.15
N GLY A 163 18.01 7.22 -14.11
CA GLY A 163 17.35 6.85 -12.84
C GLY A 163 16.21 5.93 -13.13
N VAL A 164 15.61 5.43 -12.03
CA VAL A 164 14.61 4.41 -12.11
C VAL A 164 13.38 4.82 -11.29
N LYS A 165 12.19 4.53 -11.83
CA LYS A 165 10.92 4.78 -11.12
C LYS A 165 10.48 3.46 -10.51
N MET A 166 10.36 3.43 -9.20
CA MET A 166 10.12 2.23 -8.43
C MET A 166 8.69 2.16 -7.92
N PRO A 167 8.09 0.97 -7.89
CA PRO A 167 6.83 0.80 -7.19
C PRO A 167 7.09 0.93 -5.69
N PRO A 168 6.03 1.16 -4.90
CA PRO A 168 6.20 0.96 -3.46
C PRO A 168 6.41 -0.52 -3.03
N TYR A 169 7.21 -0.71 -1.97
CA TYR A 169 7.32 -2.01 -1.26
C TYR A 169 6.77 -1.89 0.12
N PHE A 170 6.44 -3.03 0.75
CA PHE A 170 5.71 -3.13 1.98
C PHE A 170 6.37 -4.01 3.03
N ASP A 171 7.43 -4.64 2.60
CA ASP A 171 8.14 -5.66 3.45
C ASP A 171 9.60 -5.20 3.45
N ILE A 172 10.17 -5.19 4.64
CA ILE A 172 11.58 -4.76 4.84
C ILE A 172 12.46 -5.65 3.97
N ALA A 173 12.12 -6.93 3.82
CA ALA A 173 12.99 -7.82 3.01
C ALA A 173 13.10 -7.31 1.60
N HIS A 174 11.98 -6.80 1.08
CA HIS A 174 11.96 -6.18 -0.29
C HIS A 174 12.73 -4.89 -0.36
N PHE A 175 12.63 -4.00 0.65
CA PHE A 175 13.52 -2.86 0.69
C PHE A 175 14.97 -3.31 0.55
N ASP A 176 15.34 -4.31 1.38
CA ASP A 176 16.72 -4.76 1.41
C ASP A 176 17.14 -5.32 0.05
N THR A 177 16.36 -6.25 -0.49
CA THR A 177 16.67 -6.86 -1.76
C THR A 177 16.68 -5.87 -2.92
N ALA A 178 15.63 -5.04 -3.01
CA ALA A 178 15.57 -4.07 -4.10
C ALA A 178 16.72 -3.10 -4.08
N ALA A 179 17.05 -2.57 -2.90
CA ALA A 179 18.14 -1.60 -2.84
C ALA A 179 19.45 -2.26 -3.16
N ALA A 180 19.63 -3.49 -2.77
CA ALA A 180 20.86 -4.21 -3.11
C ALA A 180 20.95 -4.38 -4.66
N VAL A 181 19.85 -4.78 -5.35
CA VAL A 181 19.89 -4.79 -6.81
C VAL A 181 20.29 -3.45 -7.38
N LEU A 182 19.65 -2.37 -6.95
CA LEU A 182 19.96 -1.12 -7.51
C LEU A 182 21.41 -0.74 -7.28
N ASN A 183 21.95 -1.07 -6.11
CA ASN A 183 23.35 -0.71 -5.80
C ASN A 183 24.38 -1.51 -6.64
N GLU A 184 23.94 -2.50 -7.37
CA GLU A 184 24.83 -3.24 -8.32
C GLU A 184 25.14 -2.37 -9.54
N PHE A 185 24.38 -1.27 -9.77
CA PHE A 185 24.38 -0.51 -11.03
C PHE A 185 24.80 0.89 -10.81
N PRO A 186 26.13 1.15 -10.99
CA PRO A 186 26.58 2.50 -10.77
C PRO A 186 26.00 3.64 -11.65
N LEU A 187 25.50 3.29 -12.83
CA LEU A 187 24.90 4.30 -13.67
C LEU A 187 23.48 4.69 -13.18
N VAL A 188 22.94 3.95 -12.25
CA VAL A 188 21.61 4.35 -11.65
C VAL A 188 21.93 5.46 -10.60
N LYS A 189 21.72 6.71 -11.00
CA LYS A 189 22.13 7.86 -10.18
C LYS A 189 20.98 8.40 -9.34
N PHE A 190 19.75 8.11 -9.73
CA PHE A 190 18.60 8.49 -8.92
C PHE A 190 17.53 7.39 -8.93
N VAL A 191 16.76 7.39 -7.87
CA VAL A 191 15.72 6.42 -7.64
C VAL A 191 14.47 7.24 -7.27
N THR A 192 13.40 7.07 -8.04
CA THR A 192 12.17 7.78 -7.78
C THR A 192 11.20 6.87 -7.05
N CYS A 193 10.85 7.26 -5.83
CA CYS A 193 9.93 6.49 -5.03
C CYS A 193 8.73 7.36 -4.68
N VAL A 194 7.50 7.02 -5.07
CA VAL A 194 7.07 5.77 -5.64
C VAL A 194 6.05 5.98 -6.75
N ASN A 195 5.90 4.94 -7.54
CA ASN A 195 4.78 4.79 -8.45
C ASN A 195 3.50 4.45 -7.63
N SER A 196 2.38 4.29 -8.32
CA SER A 196 1.13 4.11 -7.59
C SER A 196 1.15 2.86 -6.74
N VAL A 197 0.30 2.87 -5.72
CA VAL A 197 0.05 1.68 -4.97
C VAL A 197 -0.89 0.78 -5.80
N GLY A 198 -0.33 -0.34 -6.19
CA GLY A 198 -0.91 -1.12 -7.22
C GLY A 198 -2.23 -1.76 -6.86
N ASN A 199 -3.08 -1.92 -7.86
CA ASN A 199 -4.31 -2.73 -7.79
C ASN A 199 -5.15 -2.54 -6.57
N GLY A 200 -5.45 -1.30 -6.29
CA GLY A 200 -6.52 -0.96 -5.38
C GLY A 200 -7.83 -1.04 -6.11
N LEU A 201 -8.94 -0.84 -5.35
CA LEU A 201 -10.28 -0.92 -5.89
C LEU A 201 -11.16 0.09 -5.23
N VAL A 202 -11.64 1.05 -6.00
CA VAL A 202 -12.61 2.05 -5.53
C VAL A 202 -14.00 1.70 -6.00
N ILE A 203 -14.93 1.70 -5.06
CA ILE A 203 -16.31 1.37 -5.32
C ILE A 203 -17.22 2.54 -4.89
N ASP A 204 -18.18 2.86 -5.74
CA ASP A 204 -19.10 3.92 -5.50
C ASP A 204 -20.34 3.31 -4.84
N ALA A 205 -20.65 3.77 -3.65
CA ALA A 205 -21.72 3.18 -2.91
C ALA A 205 -23.09 3.35 -3.56
N GLU A 206 -23.31 4.50 -4.16
CA GLU A 206 -24.61 4.75 -4.72
C GLU A 206 -24.94 3.87 -5.89
N SER A 207 -23.98 3.79 -6.81
CA SER A 207 -24.10 2.98 -7.99
C SER A 207 -23.74 1.52 -7.77
N GLU A 208 -23.07 1.25 -6.68
CA GLU A 208 -22.65 -0.12 -6.40
C GLU A 208 -21.72 -0.68 -7.46
N SER A 209 -20.94 0.22 -8.00
CA SER A 209 -20.11 -0.10 -9.13
C SER A 209 -18.70 0.39 -8.88
N VAL A 210 -17.75 -0.37 -9.43
CA VAL A 210 -16.37 0.17 -9.62
C VAL A 210 -16.43 1.46 -10.47
N VAL A 211 -15.33 2.22 -10.44
CA VAL A 211 -15.32 3.55 -11.07
C VAL A 211 -14.44 3.68 -12.29
N ILE A 212 -13.65 2.64 -12.58
CA ILE A 212 -12.90 2.55 -13.83
C ILE A 212 -13.26 1.27 -14.50
N LYS A 213 -13.23 1.30 -15.82
CA LYS A 213 -13.61 0.20 -16.66
C LYS A 213 -12.55 -0.90 -16.84
N PRO A 214 -11.27 -0.58 -17.03
CA PRO A 214 -10.35 -1.69 -17.19
C PRO A 214 -10.18 -2.53 -15.91
N LYS A 215 -9.78 -3.78 -16.09
CA LYS A 215 -9.33 -4.65 -14.98
C LYS A 215 -10.38 -4.80 -13.90
N GLN A 216 -11.67 -4.82 -14.33
CA GLN A 216 -12.78 -4.97 -13.39
C GLN A 216 -12.68 -3.96 -12.27
N GLY A 217 -12.14 -2.78 -12.56
CA GLY A 217 -12.12 -1.69 -11.61
C GLY A 217 -10.80 -1.56 -10.83
N PHE A 218 -9.88 -2.50 -10.98
CA PHE A 218 -8.62 -2.48 -10.18
C PHE A 218 -7.65 -1.50 -10.86
N GLY A 219 -7.01 -0.63 -10.07
CA GLY A 219 -6.01 0.26 -10.66
C GLY A 219 -5.11 0.82 -9.62
N GLY A 220 -4.12 1.56 -10.07
CA GLY A 220 -3.12 2.12 -9.13
C GLY A 220 -3.60 3.34 -8.42
N LEU A 221 -3.28 3.41 -7.12
CA LEU A 221 -3.71 4.50 -6.23
C LEU A 221 -2.64 5.54 -6.12
N GLY A 222 -3.10 6.75 -6.12
CA GLY A 222 -2.33 7.94 -5.89
C GLY A 222 -2.99 8.86 -4.92
N GLY A 223 -2.27 9.84 -4.43
CA GLY A 223 -2.84 10.87 -3.68
C GLY A 223 -2.69 10.73 -2.14
N LYS A 224 -3.66 11.23 -1.44
CA LYS A 224 -3.62 11.24 0.03
C LYS A 224 -3.49 9.87 0.65
N TYR A 225 -4.04 8.88 -0.03
CA TYR A 225 -4.01 7.52 0.43
C TYR A 225 -2.56 7.05 0.65
N ILE A 226 -1.65 7.52 -0.17
CA ILE A 226 -0.34 6.90 -0.24
C ILE A 226 0.89 7.66 0.35
N LEU A 227 0.64 8.77 1.03
CA LEU A 227 1.76 9.61 1.44
C LEU A 227 2.74 8.86 2.41
N PRO A 228 2.11 8.20 3.47
CA PRO A 228 3.02 7.48 4.38
C PRO A 228 3.78 6.34 3.71
N THR A 229 3.16 5.65 2.78
CA THR A 229 3.83 4.63 2.02
C THR A 229 4.96 5.23 1.18
N ALA A 230 4.65 6.37 0.56
CA ALA A 230 5.69 7.10 -0.25
C ALA A 230 6.85 7.53 0.64
N LEU A 231 6.56 8.09 1.82
CA LEU A 231 7.63 8.55 2.68
C LEU A 231 8.49 7.38 3.11
N ALA A 232 7.88 6.25 3.44
CA ALA A 232 8.61 5.09 3.88
C ALA A 232 9.60 4.64 2.81
N ASN A 233 9.14 4.61 1.56
CA ASN A 233 10.00 4.17 0.50
C ASN A 233 11.13 5.14 0.20
N VAL A 234 10.82 6.45 0.23
CA VAL A 234 11.86 7.47 0.02
C VAL A 234 12.91 7.21 1.11
N ASN A 235 12.48 7.09 2.34
CA ASN A 235 13.47 6.98 3.43
C ASN A 235 14.25 5.66 3.39
N ALA A 236 13.52 4.56 3.06
CA ALA A 236 14.13 3.24 2.97
C ALA A 236 15.30 3.22 1.96
N PHE A 237 15.03 3.77 0.78
CA PHE A 237 16.05 3.88 -0.27
C PHE A 237 17.10 4.93 0.01
N TYR A 238 16.73 6.01 0.67
CA TYR A 238 17.69 7.01 1.05
C TYR A 238 18.74 6.43 1.98
N ARG A 239 18.26 5.62 2.95
CA ARG A 239 19.15 4.93 3.87
C ARG A 239 20.02 3.84 3.23
N ARG A 240 19.45 3.11 2.32
CA ARG A 240 20.09 1.98 1.67
C ARG A 240 20.95 2.27 0.45
N CYS A 241 20.75 3.41 -0.19
CA CYS A 241 21.48 3.80 -1.40
C CYS A 241 22.18 5.13 -1.22
N PRO A 242 23.25 5.03 -0.34
CA PRO A 242 23.89 6.30 -0.01
C PRO A 242 24.63 7.00 -1.16
N ASP A 243 24.98 6.28 -2.19
CA ASP A 243 25.66 6.91 -3.34
C ASP A 243 24.70 7.30 -4.45
N LYS A 244 23.37 7.26 -4.21
CA LYS A 244 22.39 7.68 -5.22
C LYS A 244 21.51 8.77 -4.65
N LEU A 245 20.80 9.47 -5.54
CA LEU A 245 19.78 10.45 -5.15
C LEU A 245 18.48 9.71 -5.04
N VAL A 246 17.59 10.26 -4.20
CA VAL A 246 16.22 9.73 -4.19
C VAL A 246 15.30 10.88 -4.58
N PHE A 247 14.40 10.64 -5.49
CA PHE A 247 13.36 11.60 -5.77
C PHE A 247 12.06 11.09 -5.10
N GLY A 248 11.32 11.97 -4.46
CA GLY A 248 10.06 11.55 -3.89
C GLY A 248 8.87 11.84 -4.75
N CYS A 249 7.92 10.87 -4.71
CA CYS A 249 6.65 10.98 -5.42
C CYS A 249 5.58 10.25 -4.61
N GLY A 250 4.47 10.90 -4.34
CA GLY A 250 3.31 10.30 -3.74
C GLY A 250 2.70 11.12 -2.66
N GLY A 251 1.44 11.46 -2.86
CA GLY A 251 0.73 12.22 -1.81
C GLY A 251 1.11 13.63 -1.64
N VAL A 252 1.79 14.26 -2.59
CA VAL A 252 2.12 15.68 -2.36
C VAL A 252 1.00 16.56 -2.84
N TYR A 253 0.37 17.26 -1.89
CA TYR A 253 -0.61 18.31 -2.12
C TYR A 253 -0.19 19.68 -1.58
N SER A 254 0.87 19.77 -0.80
CA SER A 254 1.17 21.03 -0.09
C SER A 254 2.65 21.11 0.11
N GLY A 255 3.08 22.29 0.48
CA GLY A 255 4.47 22.50 0.81
C GLY A 255 4.83 21.65 2.02
N GLU A 256 3.94 21.45 2.96
CA GLU A 256 4.24 20.62 4.09
C GLU A 256 4.49 19.19 3.68
N ASP A 257 3.66 18.65 2.75
CA ASP A 257 3.90 17.30 2.24
C ASP A 257 5.25 17.16 1.56
N ALA A 258 5.64 18.24 0.84
CA ALA A 258 6.94 18.26 0.18
C ALA A 258 8.07 18.29 1.21
N PHE A 259 7.89 19.13 2.22
CA PHE A 259 8.86 19.17 3.33
C PHE A 259 9.10 17.81 3.99
N LEU A 260 8.03 17.02 4.18
CA LEU A 260 8.16 15.72 4.74
C LEU A 260 8.91 14.75 3.85
N HIS A 261 8.60 14.80 2.55
CA HIS A 261 9.44 14.09 1.57
C HIS A 261 10.90 14.41 1.64
N ILE A 262 11.20 15.69 1.74
CA ILE A 262 12.57 16.14 1.75
C ILE A 262 13.25 15.69 3.06
N LEU A 263 12.57 15.79 4.21
CA LEU A 263 13.12 15.29 5.47
C LEU A 263 13.43 13.81 5.36
N ALA A 264 12.58 13.09 4.64
CA ALA A 264 12.77 11.64 4.38
C ALA A 264 13.96 11.33 3.48
N GLY A 265 14.39 12.31 2.71
CA GLY A 265 15.49 12.13 1.80
C GLY A 265 15.34 12.58 0.34
N ALA A 266 14.16 13.04 -0.04
CA ALA A 266 13.95 13.44 -1.41
C ALA A 266 14.82 14.64 -1.87
N SER A 267 15.32 14.54 -3.09
CA SER A 267 15.94 15.65 -3.75
C SER A 267 14.86 16.35 -4.61
N MET A 268 14.46 15.76 -5.69
CA MET A 268 13.33 16.25 -6.42
C MET A 268 12.07 15.67 -5.76
N VAL A 269 10.99 16.41 -5.94
CA VAL A 269 9.67 16.13 -5.43
C VAL A 269 8.69 16.20 -6.59
N GLN A 270 8.07 15.04 -6.90
CA GLN A 270 7.15 14.99 -8.04
C GLN A 270 5.70 15.03 -7.54
N VAL A 271 4.82 15.54 -8.38
CA VAL A 271 3.45 15.78 -8.07
C VAL A 271 2.59 15.17 -9.18
N GLY A 272 1.74 14.18 -8.81
CA GLY A 272 0.88 13.44 -9.72
C GLY A 272 -0.57 13.90 -9.54
N THR A 273 -1.33 13.15 -8.73
CA THR A 273 -2.74 13.36 -8.51
C THR A 273 -3.06 14.84 -8.25
N ALA A 274 -2.29 15.49 -7.37
CA ALA A 274 -2.67 16.86 -6.99
C ALA A 274 -2.57 17.83 -8.15
N LEU A 275 -1.55 17.62 -9.01
CA LEU A 275 -1.40 18.34 -10.24
C LEU A 275 -2.50 18.02 -11.28
N GLN A 276 -2.78 16.75 -11.45
CA GLN A 276 -3.94 16.34 -12.28
C GLN A 276 -5.20 17.09 -11.85
N GLU A 277 -5.44 17.23 -10.56
CA GLU A 277 -6.66 17.82 -10.06
C GLU A 277 -6.65 19.34 -10.06
N GLU A 278 -5.52 19.96 -9.70
CA GLU A 278 -5.43 21.37 -9.54
C GLU A 278 -4.88 22.18 -10.74
N GLY A 279 -4.08 21.53 -11.57
CA GLY A 279 -3.44 22.13 -12.65
C GLY A 279 -2.15 22.80 -12.24
N PRO A 280 -1.41 23.32 -13.25
CA PRO A 280 -0.02 23.74 -13.03
C PRO A 280 0.21 24.94 -12.13
N GLY A 281 -0.86 25.66 -11.82
CA GLY A 281 -0.81 26.66 -10.76
C GLY A 281 -0.37 26.10 -9.45
N ILE A 282 -0.49 24.78 -9.26
CA ILE A 282 -0.09 24.17 -7.96
C ILE A 282 1.38 24.52 -7.64
N PHE A 283 2.21 24.65 -8.66
CA PHE A 283 3.64 24.82 -8.44
C PHE A 283 3.98 26.09 -7.70
N THR A 284 3.25 27.18 -7.98
CA THR A 284 3.55 28.46 -7.31
C THR A 284 3.12 28.33 -5.83
N ARG A 285 2.00 27.66 -5.58
CA ARG A 285 1.52 27.42 -4.24
C ARG A 285 2.46 26.56 -3.47
N LEU A 286 2.95 25.45 -4.06
CA LEU A 286 3.85 24.56 -3.34
C LEU A 286 5.14 25.24 -2.97
N GLU A 287 5.65 26.03 -3.93
CA GLU A 287 6.86 26.88 -3.67
C GLU A 287 6.70 27.82 -2.49
N ASP A 288 5.63 28.62 -2.50
CA ASP A 288 5.30 29.54 -1.43
C ASP A 288 5.14 28.84 -0.10
N GLU A 289 4.42 27.74 -0.09
CA GLU A 289 4.14 27.00 1.15
C GLU A 289 5.43 26.37 1.73
N LEU A 290 6.30 25.89 0.88
CA LEU A 290 7.53 25.25 1.34
C LEU A 290 8.44 26.38 1.92
N LEU A 291 8.54 27.47 1.21
CA LEU A 291 9.36 28.63 1.70
C LEU A 291 8.80 29.16 3.03
N GLU A 292 7.48 29.12 3.25
CA GLU A 292 6.95 29.58 4.51
C GLU A 292 7.38 28.66 5.67
N ILE A 293 7.37 27.35 5.44
CA ILE A 293 7.80 26.42 6.51
C ILE A 293 9.26 26.61 6.76
N MET A 294 10.08 26.68 5.69
CA MET A 294 11.50 26.97 5.88
C MET A 294 11.71 28.26 6.68
N ALA A 295 11.00 29.31 6.37
CA ALA A 295 11.21 30.63 7.09
C ALA A 295 10.91 30.48 8.60
N ARG A 296 9.83 29.78 8.92
CA ARG A 296 9.39 29.61 10.28
C ARG A 296 10.43 28.81 11.07
N LYS A 297 11.09 27.87 10.42
CA LYS A 297 12.09 26.98 11.03
C LYS A 297 13.51 27.50 10.96
N GLY A 298 13.71 28.60 10.28
CA GLY A 298 15.01 29.16 9.99
C GLY A 298 15.93 28.40 9.06
N TYR A 299 15.38 27.61 8.11
CA TYR A 299 16.15 26.87 7.15
C TYR A 299 16.29 27.73 5.90
N ARG A 300 17.53 27.85 5.46
CA ARG A 300 17.82 28.69 4.33
C ARG A 300 17.92 27.94 2.99
N THR A 301 18.24 26.65 3.06
CA THR A 301 18.40 25.77 1.91
C THR A 301 17.81 24.39 2.18
N LEU A 302 17.59 23.67 1.11
CA LEU A 302 17.03 22.35 1.18
C LEU A 302 17.97 21.33 1.85
N GLU A 303 19.27 21.49 1.62
CA GLU A 303 20.24 20.56 2.11
C GLU A 303 20.37 20.69 3.63
N GLU A 304 19.92 21.80 4.22
N GLU A 304 19.93 21.80 4.21
CA GLU A 304 19.96 21.93 5.67
CA GLU A 304 19.94 21.91 5.65
C GLU A 304 18.96 21.00 6.38
C GLU A 304 19.11 20.81 6.31
N PHE A 305 18.02 20.43 5.64
CA PHE A 305 17.08 19.48 6.24
C PHE A 305 16.85 18.17 5.47
N ARG A 306 17.34 18.04 4.24
CA ARG A 306 17.12 16.83 3.44
C ARG A 306 17.69 15.61 4.15
N GLY A 307 16.89 14.59 4.35
CA GLY A 307 17.28 13.37 4.98
C GLY A 307 17.45 13.45 6.48
N ARG A 308 17.04 14.57 7.07
N ARG A 308 17.04 14.57 7.07
CA ARG A 308 17.26 14.80 8.50
CA ARG A 308 17.29 14.78 8.50
C ARG A 308 16.08 14.48 9.39
C ARG A 308 16.09 14.49 9.39
N VAL A 309 15.15 13.66 8.90
CA VAL A 309 14.11 13.14 9.78
C VAL A 309 14.72 12.50 11.04
N LYS A 310 14.12 12.86 12.18
CA LYS A 310 14.59 12.35 13.42
C LYS A 310 13.85 11.11 13.77
N THR A 311 14.55 10.20 14.39
CA THR A 311 13.98 9.00 14.99
C THR A 311 13.92 9.18 16.49
N ILE A 312 13.16 8.33 17.15
CA ILE A 312 12.98 8.42 18.59
C ILE A 312 13.93 7.44 19.30
N GLU A 313 14.72 8.01 20.21
CA GLU A 313 15.59 7.24 21.18
C GLU A 313 16.36 6.02 20.71
N MET B 1 -34.80 -3.95 10.67
CA MET B 1 -33.59 -4.78 11.04
C MET B 1 -33.91 -6.07 10.34
N CYS B 2 -33.28 -7.19 10.62
CA CYS B 2 -32.16 -7.42 11.50
C CYS B 2 -31.09 -7.95 10.54
N LEU B 3 -29.82 -7.87 10.97
CA LEU B 3 -28.58 -8.14 10.20
C LEU B 3 -27.97 -9.47 10.57
N LYS B 4 -28.74 -10.34 11.22
CA LYS B 4 -28.32 -11.64 11.65
C LYS B 4 -27.88 -12.49 10.46
N LEU B 5 -26.85 -13.32 10.65
CA LEU B 5 -26.28 -14.24 9.69
C LEU B 5 -25.65 -15.52 10.28
N ASN B 6 -25.56 -16.56 9.45
CA ASN B 6 -24.96 -17.82 9.84
C ASN B 6 -23.76 -18.14 8.93
N LEU B 7 -22.63 -18.42 9.56
CA LEU B 7 -21.43 -18.83 8.87
C LEU B 7 -20.66 -19.80 9.73
N LEU B 8 -19.94 -20.71 9.08
CA LEU B 8 -19.00 -21.55 9.78
C LEU B 8 -19.70 -22.26 10.92
N ASP B 9 -20.95 -22.64 10.71
CA ASP B 9 -21.70 -23.39 11.71
C ASP B 9 -21.94 -22.57 12.99
N HIS B 10 -21.81 -21.28 12.84
CA HIS B 10 -22.19 -20.39 13.89
C HIS B 10 -23.19 -19.35 13.44
N VAL B 11 -23.96 -18.86 14.39
CA VAL B 11 -24.86 -17.75 14.18
C VAL B 11 -24.29 -16.46 14.71
N PHE B 12 -24.41 -15.42 13.90
CA PHE B 12 -23.94 -14.08 14.22
C PHE B 12 -25.09 -13.03 14.11
N ALA B 13 -25.21 -12.19 15.09
CA ALA B 13 -26.23 -11.14 15.13
C ALA B 13 -26.07 -10.10 14.03
N ASN B 14 -24.83 -9.89 13.66
CA ASN B 14 -24.47 -8.93 12.65
C ASN B 14 -23.04 -9.24 12.17
N PRO B 15 -22.61 -8.61 11.07
CA PRO B 15 -21.36 -9.06 10.52
C PRO B 15 -20.15 -8.40 11.19
N PHE B 16 -20.33 -7.55 12.19
CA PHE B 16 -19.23 -6.71 12.70
C PHE B 16 -18.44 -7.43 13.77
N MET B 17 -17.10 -7.20 13.78
CA MET B 17 -16.27 -7.67 14.87
C MET B 17 -15.07 -6.74 14.95
N ASN B 18 -14.31 -6.84 16.06
CA ASN B 18 -13.03 -6.17 16.11
C ASN B 18 -12.08 -6.84 15.14
N ALA B 19 -11.06 -6.08 14.70
CA ALA B 19 -9.90 -6.60 14.05
C ALA B 19 -8.92 -7.08 15.08
N ALA B 20 -8.24 -8.19 14.78
CA ALA B 20 -7.25 -8.77 15.74
C ALA B 20 -6.27 -7.67 16.12
N GLY B 21 -5.96 -7.63 17.40
CA GLY B 21 -5.01 -6.65 17.91
C GLY B 21 -5.68 -5.47 18.59
N VAL B 22 -6.93 -5.15 18.23
CA VAL B 22 -7.61 -3.99 18.81
C VAL B 22 -8.66 -4.39 19.85
N LEU B 23 -8.55 -3.85 21.04
CA LEU B 23 -9.48 -4.13 22.12
C LEU B 23 -9.67 -5.61 22.41
N CYS B 24 -8.55 -6.33 22.48
CA CYS B 24 -8.63 -7.74 22.65
C CYS B 24 -7.44 -8.43 23.27
N SER B 25 -6.67 -7.69 24.04
CA SER B 25 -5.45 -8.24 24.61
C SER B 25 -5.60 -8.86 26.00
N THR B 26 -6.39 -8.21 26.81
CA THR B 26 -6.54 -8.61 28.17
C THR B 26 -7.95 -9.16 28.42
N GLU B 27 -8.14 -9.77 29.58
CA GLU B 27 -9.43 -10.31 29.91
C GLU B 27 -10.44 -9.14 29.91
N GLU B 28 -10.04 -8.02 30.51
CA GLU B 28 -10.86 -6.80 30.49
C GLU B 28 -11.30 -6.42 29.05
N ASP B 29 -10.36 -6.47 28.11
CA ASP B 29 -10.65 -6.07 26.73
C ASP B 29 -11.65 -7.05 26.11
N LEU B 30 -11.43 -8.35 26.34
CA LEU B 30 -12.32 -9.41 25.80
C LEU B 30 -13.71 -9.34 26.37
N ARG B 31 -13.82 -9.03 27.67
N ARG B 31 -13.81 -9.02 27.68
CA ARG B 31 -15.14 -8.91 28.27
CA ARG B 31 -15.12 -8.86 28.31
C ARG B 31 -15.83 -7.65 27.72
C ARG B 31 -15.83 -7.65 27.71
N CYS B 32 -15.04 -6.57 27.43
CA CYS B 32 -15.58 -5.34 26.82
C CYS B 32 -16.10 -5.61 25.42
N MET B 33 -15.34 -6.32 24.61
CA MET B 33 -15.84 -6.68 23.29
C MET B 33 -17.07 -7.59 23.42
N THR B 34 -17.09 -8.49 24.36
CA THR B 34 -18.23 -9.41 24.47
C THR B 34 -19.48 -8.58 24.82
N ALA B 35 -19.35 -7.60 25.69
CA ALA B 35 -20.47 -6.76 26.14
C ALA B 35 -20.99 -5.80 25.06
N SER B 36 -20.12 -5.51 24.08
CA SER B 36 -20.50 -4.66 22.94
C SER B 36 -21.58 -5.27 22.06
N SER B 37 -22.04 -4.46 21.16
N SER B 37 -22.07 -4.47 21.15
CA SER B 37 -23.01 -4.91 20.18
CA SER B 37 -23.03 -4.97 20.17
C SER B 37 -22.41 -5.61 18.97
C SER B 37 -22.42 -5.67 18.99
N SER B 38 -21.09 -5.86 18.95
CA SER B 38 -20.50 -6.61 17.83
C SER B 38 -21.12 -7.99 17.69
N GLY B 39 -21.11 -8.49 16.46
CA GLY B 39 -21.55 -9.85 16.17
C GLY B 39 -20.59 -10.95 16.59
N ALA B 40 -19.28 -10.61 16.77
CA ALA B 40 -18.26 -11.56 17.15
C ALA B 40 -17.08 -10.74 17.72
N LEU B 41 -16.10 -11.47 18.21
CA LEU B 41 -14.82 -10.89 18.66
C LEU B 41 -13.75 -11.85 18.30
N VAL B 42 -12.56 -11.30 18.13
CA VAL B 42 -11.33 -12.04 17.94
C VAL B 42 -10.28 -11.61 18.99
N SER B 43 -9.49 -12.56 19.50
CA SER B 43 -8.47 -12.25 20.50
C SER B 43 -7.23 -11.66 19.82
N LYS B 44 -6.32 -11.10 20.60
CA LYS B 44 -5.03 -10.57 20.12
C LYS B 44 -4.20 -11.72 19.61
N SER B 45 -3.48 -11.55 18.50
CA SER B 45 -2.63 -12.67 18.05
C SER B 45 -1.61 -13.04 19.10
N CYS B 46 -1.49 -14.35 19.32
CA CYS B 46 -0.69 -14.82 20.46
C CYS B 46 0.49 -15.68 20.02
N THR B 47 1.49 -15.69 20.91
CA THR B 47 2.63 -16.58 20.86
C THR B 47 2.55 -17.61 21.99
N SER B 48 3.43 -18.63 21.96
CA SER B 48 3.42 -19.62 23.02
C SER B 48 3.67 -19.00 24.32
N ALA B 49 4.59 -18.08 24.34
CA ALA B 49 4.87 -17.39 25.55
C ALA B 49 4.48 -15.90 25.49
N PRO B 50 4.23 -15.35 26.76
CA PRO B 50 3.89 -13.93 26.74
C PRO B 50 4.96 -13.03 26.12
N ARG B 51 4.55 -11.89 25.54
CA ARG B 51 5.46 -10.90 25.00
C ARG B 51 5.10 -9.50 25.47
N ASP B 52 6.12 -8.72 25.84
CA ASP B 52 5.93 -7.31 26.16
C ASP B 52 5.69 -6.41 24.92
N GLY B 53 6.21 -6.85 23.80
CA GLY B 53 6.15 -6.06 22.61
C GLY B 53 7.22 -4.99 22.60
N ASN B 54 7.08 -4.06 21.67
CA ASN B 54 8.03 -2.97 21.49
C ASN B 54 7.89 -1.77 22.42
N PRO B 55 8.97 -0.97 22.47
CA PRO B 55 8.95 0.23 23.24
C PRO B 55 7.92 1.22 22.72
N GLU B 56 7.39 2.05 23.64
CA GLU B 56 6.40 3.11 23.34
C GLU B 56 7.11 4.41 23.00
N PRO B 57 6.48 5.22 22.16
CA PRO B 57 5.19 5.01 21.53
C PRO B 57 5.25 4.06 20.37
N ARG B 58 4.23 3.21 20.27
CA ARG B 58 4.22 2.15 19.30
C ARG B 58 2.91 2.13 18.42
N TYR B 59 2.00 3.00 18.77
CA TYR B 59 0.75 3.29 18.05
C TYR B 59 0.46 4.77 18.03
N MET B 60 0.08 5.31 16.84
CA MET B 60 -0.39 6.67 16.71
C MET B 60 -1.49 6.69 15.70
N ALA B 61 -2.47 7.54 15.94
CA ALA B 61 -3.55 7.79 15.03
C ALA B 61 -3.70 9.25 14.66
N PHE B 62 -4.27 9.44 13.49
CA PHE B 62 -4.42 10.70 12.76
C PHE B 62 -5.69 10.66 12.01
N PRO B 63 -6.07 11.79 11.44
CA PRO B 63 -7.39 11.86 10.82
C PRO B 63 -7.57 10.82 9.72
N LEU B 64 -6.48 10.52 8.99
CA LEU B 64 -6.58 9.54 7.92
C LEU B 64 -6.28 8.07 8.31
N GLY B 65 -5.88 7.82 9.53
CA GLY B 65 -5.67 6.43 9.95
C GLY B 65 -4.60 6.29 11.01
N SER B 66 -4.03 5.12 11.10
CA SER B 66 -3.08 4.83 12.17
C SER B 66 -1.83 4.20 11.64
N ILE B 67 -0.78 4.23 12.49
CA ILE B 67 0.45 3.49 12.22
C ILE B 67 0.83 2.77 13.52
N ASN B 68 1.29 1.52 13.39
CA ASN B 68 1.66 0.71 14.56
C ASN B 68 2.81 -0.17 14.31
N SER B 69 3.65 -0.26 15.34
N SER B 69 3.66 -0.26 15.34
CA SER B 69 4.61 -1.36 15.41
CA SER B 69 4.64 -1.33 15.43
C SER B 69 4.57 -1.85 16.83
C SER B 69 4.58 -1.86 16.84
N MET B 70 3.47 -2.54 17.15
CA MET B 70 3.22 -3.03 18.49
C MET B 70 4.23 -4.06 18.95
N GLY B 71 4.67 -4.92 18.07
CA GLY B 71 5.62 -5.99 18.38
C GLY B 71 5.03 -7.23 18.98
N LEU B 72 3.78 -7.56 18.63
CA LEU B 72 3.11 -8.72 19.10
C LEU B 72 3.08 -8.86 20.62
N PRO B 73 2.74 -7.76 21.34
CA PRO B 73 2.60 -7.89 22.76
C PRO B 73 1.38 -8.74 23.03
N ASN B 74 1.47 -9.71 23.95
CA ASN B 74 0.27 -10.54 24.20
C ASN B 74 0.52 -11.32 25.49
N LEU B 75 -0.56 -11.83 26.05
CA LEU B 75 -0.48 -12.48 27.35
C LEU B 75 -0.07 -13.98 27.23
N GLY B 76 0.21 -14.44 26.02
CA GLY B 76 0.55 -15.79 25.81
C GLY B 76 -0.61 -16.73 25.52
N PHE B 77 -0.34 -17.78 24.76
CA PHE B 77 -1.36 -18.71 24.34
C PHE B 77 -2.16 -19.32 25.50
N ASP B 78 -1.48 -19.67 26.61
CA ASP B 78 -2.24 -20.32 27.67
C ASP B 78 -3.40 -19.45 28.16
N PHE B 79 -3.15 -18.12 28.22
CA PHE B 79 -4.18 -17.17 28.63
C PHE B 79 -5.39 -17.16 27.67
N TYR B 80 -5.11 -17.03 26.36
CA TYR B 80 -6.20 -16.97 25.41
C TYR B 80 -6.96 -18.29 25.36
N LEU B 81 -6.23 -19.38 25.45
CA LEU B 81 -6.83 -20.73 25.51
C LEU B 81 -7.75 -20.89 26.70
N LYS B 82 -7.32 -20.38 27.84
CA LYS B 82 -8.14 -20.40 29.07
C LYS B 82 -9.38 -19.52 28.96
N TYR B 83 -9.21 -18.34 28.29
CA TYR B 83 -10.32 -17.46 28.01
C TYR B 83 -11.36 -18.22 27.17
N ALA B 84 -10.88 -18.85 26.09
CA ALA B 84 -11.80 -19.62 25.22
C ALA B 84 -12.45 -20.80 25.92
N SER B 85 -11.69 -21.50 26.74
N SER B 85 -11.68 -21.50 26.73
CA SER B 85 -12.20 -22.75 27.36
CA SER B 85 -12.14 -22.77 27.31
C SER B 85 -13.12 -22.49 28.55
C SER B 85 -13.05 -22.55 28.56
N ASP B 86 -12.77 -21.51 29.35
CA ASP B 86 -13.38 -21.28 30.66
C ASP B 86 -14.16 -20.01 30.88
N LEU B 87 -13.78 -18.89 30.21
CA LEU B 87 -14.30 -17.58 30.60
C LEU B 87 -15.28 -16.99 29.54
N HIS B 88 -15.11 -17.30 28.29
CA HIS B 88 -15.96 -16.68 27.28
C HIS B 88 -17.39 -17.18 27.40
N ASP B 89 -18.33 -16.25 27.27
CA ASP B 89 -19.73 -16.65 27.24
C ASP B 89 -20.22 -16.78 25.78
N TYR B 90 -20.26 -18.01 25.29
CA TYR B 90 -20.64 -18.30 23.90
C TYR B 90 -22.14 -18.02 23.59
N SER B 91 -22.93 -17.82 24.62
CA SER B 91 -24.33 -17.40 24.45
C SER B 91 -24.43 -15.95 23.97
N LYS B 92 -23.37 -15.14 24.18
CA LYS B 92 -23.38 -13.75 23.79
C LYS B 92 -23.03 -13.62 22.29
N LYS B 93 -21.97 -14.30 21.85
CA LYS B 93 -21.44 -14.25 20.47
C LYS B 93 -20.28 -15.22 20.27
N PRO B 94 -19.98 -15.51 19.02
CA PRO B 94 -18.85 -16.36 18.71
C PRO B 94 -17.50 -15.72 19.02
N LEU B 95 -16.54 -16.55 19.31
CA LEU B 95 -15.18 -16.15 19.55
C LEU B 95 -14.22 -16.78 18.54
N PHE B 96 -13.37 -15.92 17.97
CA PHE B 96 -12.21 -16.30 17.22
C PHE B 96 -10.94 -16.05 18.03
N LEU B 97 -10.00 -16.98 17.96
CA LEU B 97 -8.71 -16.88 18.58
C LEU B 97 -7.68 -16.72 17.46
N SER B 98 -6.88 -15.66 17.53
CA SER B 98 -5.81 -15.44 16.56
C SER B 98 -4.47 -15.94 17.10
N ILE B 99 -3.77 -16.67 16.25
CA ILE B 99 -2.52 -17.26 16.56
C ILE B 99 -1.44 -16.76 15.60
N SER B 100 -0.32 -16.39 16.19
CA SER B 100 0.73 -15.84 15.42
C SER B 100 2.10 -16.32 15.89
N GLY B 101 2.28 -17.62 15.88
CA GLY B 101 3.64 -18.13 16.28
C GLY B 101 4.75 -17.66 15.33
N LEU B 102 6.01 -17.66 15.81
CA LEU B 102 7.19 -17.14 15.06
C LEU B 102 7.86 -18.24 14.23
N SER B 103 7.30 -19.45 14.30
CA SER B 103 7.74 -20.58 13.44
C SER B 103 6.60 -21.49 13.24
N VAL B 104 6.71 -22.35 12.24
CA VAL B 104 5.74 -23.35 11.98
C VAL B 104 5.51 -24.24 13.22
N GLU B 105 6.61 -24.63 13.89
CA GLU B 105 6.50 -25.57 14.98
C GLU B 105 5.70 -25.01 16.13
N GLU B 106 5.91 -23.74 16.37
CA GLU B 106 5.15 -23.02 17.42
C GLU B 106 3.65 -22.91 17.13
N ASN B 107 3.34 -22.58 15.89
CA ASN B 107 1.88 -22.69 15.46
C ASN B 107 1.32 -24.07 15.58
N VAL B 108 2.09 -25.09 15.17
CA VAL B 108 1.60 -26.46 15.28
C VAL B 108 1.33 -26.80 16.75
N ALA B 109 2.25 -26.44 17.64
CA ALA B 109 2.07 -26.71 19.05
C ALA B 109 0.82 -26.07 19.64
N MET B 110 0.54 -24.84 19.23
CA MET B 110 -0.66 -24.15 19.72
C MET B 110 -1.90 -24.76 19.14
N VAL B 111 -1.93 -24.98 17.81
CA VAL B 111 -3.16 -25.51 17.24
C VAL B 111 -3.55 -26.94 17.72
N ARG B 112 -2.56 -27.77 18.04
N ARG B 112 -2.55 -27.77 18.03
CA ARG B 112 -2.89 -29.10 18.58
CA ARG B 112 -2.84 -29.12 18.60
C ARG B 112 -3.65 -29.00 19.91
C ARG B 112 -3.63 -29.01 19.90
N ARG B 113 -3.32 -27.98 20.70
CA ARG B 113 -3.98 -27.72 21.97
C ARG B 113 -5.35 -27.06 21.83
N LEU B 114 -5.52 -26.25 20.78
CA LEU B 114 -6.73 -25.55 20.52
C LEU B 114 -7.80 -26.50 20.01
N ALA B 115 -7.41 -27.49 19.21
CA ALA B 115 -8.40 -28.38 18.57
C ALA B 115 -9.48 -28.94 19.47
N PRO B 116 -9.13 -29.57 20.64
CA PRO B 116 -10.23 -30.08 21.47
C PRO B 116 -11.14 -29.01 21.99
N VAL B 117 -10.59 -27.82 22.28
CA VAL B 117 -11.40 -26.69 22.69
C VAL B 117 -12.39 -26.19 21.61
N ALA B 118 -11.89 -26.09 20.39
CA ALA B 118 -12.70 -25.82 19.22
C ALA B 118 -13.79 -26.85 19.09
N GLN B 119 -13.46 -28.11 19.23
CA GLN B 119 -14.50 -29.15 19.18
C GLN B 119 -15.54 -28.99 20.26
N GLU B 120 -15.12 -28.76 21.49
CA GLU B 120 -16.05 -28.75 22.62
C GLU B 120 -16.83 -27.43 22.71
N LYS B 121 -16.12 -26.30 22.57
CA LYS B 121 -16.73 -24.98 22.83
C LYS B 121 -17.13 -24.20 21.54
N GLY B 122 -16.61 -24.60 20.42
CA GLY B 122 -16.79 -23.91 19.10
C GLY B 122 -15.95 -22.64 18.85
N VAL B 123 -14.94 -22.34 19.68
CA VAL B 123 -13.98 -21.33 19.34
C VAL B 123 -13.39 -21.51 17.91
N LEU B 124 -13.20 -20.41 17.15
CA LEU B 124 -12.72 -20.46 15.80
C LEU B 124 -11.31 -19.97 15.68
N LEU B 125 -10.55 -20.56 14.84
CA LEU B 125 -9.13 -20.17 14.66
C LEU B 125 -8.91 -19.21 13.42
N GLU B 126 -8.25 -18.09 13.71
CA GLU B 126 -7.63 -17.21 12.68
C GLU B 126 -6.17 -17.28 12.80
N LEU B 127 -5.52 -17.81 11.75
CA LEU B 127 -4.11 -17.95 11.74
C LEU B 127 -3.46 -16.73 11.09
N ASN B 128 -2.67 -15.98 11.86
CA ASN B 128 -2.06 -14.74 11.33
C ASN B 128 -0.75 -15.06 10.60
N LEU B 129 -0.72 -14.88 9.29
CA LEU B 129 0.54 -15.11 8.52
C LEU B 129 1.58 -13.96 8.56
N SER B 130 1.28 -12.84 9.16
CA SER B 130 2.25 -11.75 9.29
C SER B 130 3.14 -11.99 10.51
N CYS B 131 4.34 -11.43 10.54
CA CYS B 131 5.25 -11.67 11.62
C CYS B 131 6.33 -10.58 11.74
N PRO B 132 6.99 -10.54 12.92
CA PRO B 132 8.14 -9.62 12.98
C PRO B 132 9.18 -9.87 11.85
N ASN B 133 9.81 -8.78 11.37
CA ASN B 133 10.83 -8.85 10.31
C ASN B 133 12.01 -9.71 10.82
N VAL B 134 12.45 -10.59 9.93
CA VAL B 134 13.69 -11.40 10.13
C VAL B 134 14.64 -11.04 8.96
N PRO B 135 15.79 -10.42 9.24
CA PRO B 135 16.65 -10.04 8.11
C PRO B 135 16.98 -11.21 7.21
N GLY B 136 16.86 -10.98 5.91
CA GLY B 136 17.19 -12.00 4.97
C GLY B 136 16.07 -12.78 4.39
N LYS B 137 14.85 -12.60 4.92
CA LYS B 137 13.66 -13.32 4.35
C LYS B 137 12.37 -12.52 4.51
N PRO B 138 11.39 -12.68 3.60
CA PRO B 138 10.16 -11.85 3.67
C PRO B 138 9.20 -12.43 4.70
N GLN B 139 8.12 -11.71 5.02
CA GLN B 139 7.10 -12.29 5.90
C GLN B 139 6.59 -13.54 5.22
N VAL B 140 6.03 -14.45 6.06
CA VAL B 140 5.49 -15.70 5.53
C VAL B 140 4.46 -15.52 4.43
N ALA B 141 3.52 -14.59 4.54
CA ALA B 141 2.52 -14.61 3.40
C ALA B 141 3.03 -13.99 2.14
N TYR B 142 4.19 -13.31 2.22
CA TYR B 142 4.90 -12.86 0.98
C TYR B 142 5.94 -13.82 0.43
N ASP B 143 6.03 -14.99 1.04
CA ASP B 143 6.86 -16.11 0.62
C ASP B 143 5.95 -17.31 0.40
N PHE B 144 5.54 -17.53 -0.82
CA PHE B 144 4.45 -18.49 -1.11
C PHE B 144 4.81 -19.92 -0.74
N GLU B 145 6.09 -20.27 -0.77
CA GLU B 145 6.52 -21.59 -0.37
C GLU B 145 6.47 -21.75 1.13
N ALA B 146 6.87 -20.75 1.87
CA ALA B 146 6.72 -20.81 3.30
C ALA B 146 5.24 -20.85 3.71
N MET B 147 4.39 -20.00 3.06
CA MET B 147 2.97 -20.04 3.33
C MET B 147 2.35 -21.43 3.14
N ARG B 148 2.73 -22.06 2.04
CA ARG B 148 2.20 -23.42 1.75
C ARG B 148 2.59 -24.42 2.89
N THR B 149 3.83 -24.31 3.33
CA THR B 149 4.34 -25.11 4.51
C THR B 149 3.57 -24.87 5.77
N TYR B 150 3.38 -23.59 6.13
CA TYR B 150 2.61 -23.27 7.26
C TYR B 150 1.23 -23.89 7.15
N LEU B 151 0.50 -23.74 6.03
CA LEU B 151 -0.86 -24.22 5.98
C LEU B 151 -0.94 -25.76 5.94
N GLN B 152 0.04 -26.40 5.31
N GLN B 152 0.04 -26.40 5.32
CA GLN B 152 0.08 -27.88 5.31
CA GLN B 152 0.04 -27.87 5.31
C GLN B 152 0.19 -28.40 6.74
C GLN B 152 0.21 -28.41 6.72
N GLN B 153 1.16 -27.82 7.45
CA GLN B 153 1.45 -28.24 8.82
C GLN B 153 0.34 -27.89 9.78
N VAL B 154 -0.30 -26.71 9.65
CA VAL B 154 -1.41 -26.37 10.55
C VAL B 154 -2.66 -27.20 10.22
N SER B 155 -2.94 -27.38 8.94
CA SER B 155 -4.04 -28.18 8.52
C SER B 155 -3.93 -29.57 9.16
N LEU B 156 -2.75 -30.15 9.07
CA LEU B 156 -2.53 -31.52 9.63
C LEU B 156 -2.72 -31.60 11.15
N ALA B 157 -2.11 -30.65 11.81
CA ALA B 157 -2.12 -30.54 13.29
C ALA B 157 -3.45 -30.17 13.87
N TYR B 158 -4.24 -29.31 13.18
CA TYR B 158 -5.48 -28.86 13.69
C TYR B 158 -6.65 -29.75 13.29
N GLY B 159 -6.74 -30.05 11.99
CA GLY B 159 -7.76 -30.95 11.49
C GLY B 159 -9.18 -30.49 11.39
N LEU B 160 -9.40 -29.18 11.63
CA LEU B 160 -10.72 -28.59 11.70
C LEU B 160 -10.69 -27.33 10.77
N PRO B 161 -11.87 -26.85 10.41
CA PRO B 161 -11.98 -25.61 9.60
C PRO B 161 -11.38 -24.45 10.35
N PHE B 162 -10.61 -23.63 9.63
CA PHE B 162 -9.96 -22.46 10.23
C PHE B 162 -9.85 -21.37 9.17
N GLY B 163 -9.36 -20.21 9.58
CA GLY B 163 -9.12 -19.12 8.64
C GLY B 163 -7.74 -18.59 8.71
N VAL B 164 -7.43 -17.73 7.75
CA VAL B 164 -6.10 -17.15 7.68
C VAL B 164 -6.20 -15.61 7.49
N LYS B 165 -5.43 -14.87 8.27
CA LYS B 165 -5.30 -13.41 8.17
C LYS B 165 -4.17 -13.08 7.19
N MET B 166 -4.51 -12.42 6.07
CA MET B 166 -3.59 -12.14 4.98
C MET B 166 -3.16 -10.68 4.98
N PRO B 167 -1.87 -10.42 4.66
CA PRO B 167 -1.48 -9.08 4.30
C PRO B 167 -2.00 -8.72 2.92
N PRO B 168 -2.01 -7.43 2.62
CA PRO B 168 -2.44 -7.00 1.28
C PRO B 168 -1.42 -7.35 0.24
N TYR B 169 -1.96 -7.65 -0.95
CA TYR B 169 -1.17 -7.72 -2.18
C TYR B 169 -1.52 -6.64 -3.13
N PHE B 170 -0.64 -6.40 -4.08
CA PHE B 170 -0.64 -5.20 -4.95
C PHE B 170 -0.42 -5.49 -6.38
N ASP B 171 -0.49 -6.76 -6.70
CA ASP B 171 -0.09 -7.29 -8.03
C ASP B 171 -0.99 -8.44 -8.38
N ILE B 172 -1.54 -8.42 -9.60
CA ILE B 172 -2.54 -9.43 -9.95
C ILE B 172 -1.92 -10.85 -9.96
N ALA B 173 -0.68 -10.97 -10.40
CA ALA B 173 -0.01 -12.30 -10.38
C ALA B 173 0.15 -12.79 -8.94
N HIS B 174 0.40 -11.89 -7.98
CA HIS B 174 0.40 -12.30 -6.60
C HIS B 174 -0.95 -12.74 -6.10
N PHE B 175 -2.00 -12.03 -6.46
CA PHE B 175 -3.38 -12.53 -6.10
C PHE B 175 -3.60 -13.96 -6.64
N ASP B 176 -3.24 -14.16 -7.89
CA ASP B 176 -3.39 -15.48 -8.52
C ASP B 176 -2.56 -16.58 -7.75
N THR B 177 -1.32 -16.28 -7.40
CA THR B 177 -0.49 -17.27 -6.72
C THR B 177 -0.99 -17.51 -5.29
N ALA B 178 -1.30 -16.43 -4.57
CA ALA B 178 -1.75 -16.60 -3.16
C ALA B 178 -3.02 -17.33 -3.07
N ALA B 179 -3.97 -17.03 -3.96
CA ALA B 179 -5.28 -17.70 -3.91
C ALA B 179 -5.16 -19.22 -4.28
N ALA B 180 -4.22 -19.51 -5.18
CA ALA B 180 -3.97 -20.90 -5.59
C ALA B 180 -3.40 -21.61 -4.40
N VAL B 181 -2.46 -21.01 -3.69
CA VAL B 181 -1.97 -21.64 -2.41
C VAL B 181 -3.15 -21.93 -1.49
N LEU B 182 -3.97 -20.90 -1.16
CA LEU B 182 -5.04 -21.11 -0.26
C LEU B 182 -6.03 -22.18 -0.65
N ASN B 183 -6.32 -22.25 -1.95
CA ASN B 183 -7.27 -23.24 -2.47
C ASN B 183 -6.75 -24.70 -2.42
N GLU B 184 -5.49 -24.91 -2.10
CA GLU B 184 -4.86 -26.25 -1.92
C GLU B 184 -5.40 -26.81 -0.62
N PHE B 185 -5.93 -25.95 0.28
CA PHE B 185 -6.25 -26.34 1.66
C PHE B 185 -7.70 -26.27 1.99
N PRO B 186 -8.40 -27.42 1.93
CA PRO B 186 -9.82 -27.38 2.14
C PRO B 186 -10.29 -26.96 3.52
N LEU B 187 -9.43 -27.13 4.49
CA LEU B 187 -9.79 -26.73 5.88
C LEU B 187 -9.71 -25.18 6.04
N VAL B 188 -9.05 -24.47 5.08
CA VAL B 188 -9.08 -23.02 5.15
C VAL B 188 -10.43 -22.53 4.67
N LYS B 189 -11.32 -22.21 5.59
CA LYS B 189 -12.69 -21.91 5.21
C LYS B 189 -12.98 -20.41 5.13
N PHE B 190 -12.08 -19.60 5.67
CA PHE B 190 -12.23 -18.15 5.55
C PHE B 190 -10.87 -17.53 5.42
N VAL B 191 -10.88 -16.42 4.70
CA VAL B 191 -9.72 -15.66 4.43
C VAL B 191 -10.04 -14.21 4.94
N THR B 192 -9.20 -13.61 5.76
CA THR B 192 -9.46 -12.26 6.25
C THR B 192 -8.50 -11.34 5.54
N CYS B 193 -9.08 -10.43 4.79
CA CYS B 193 -8.26 -9.48 3.96
C CYS B 193 -8.68 -8.11 4.43
N VAL B 194 -7.78 -7.29 5.03
CA VAL B 194 -6.36 -7.43 5.05
C VAL B 194 -5.79 -6.98 6.38
N ASN B 195 -4.58 -7.43 6.63
CA ASN B 195 -3.77 -6.89 7.71
C ASN B 195 -3.29 -5.50 7.29
N SER B 196 -2.57 -4.83 8.17
CA SER B 196 -2.18 -3.47 7.91
C SER B 196 -1.27 -3.41 6.70
N VAL B 197 -1.25 -2.25 6.07
CA VAL B 197 -0.40 -2.05 4.89
C VAL B 197 1.01 -1.79 5.45
N GLY B 198 1.93 -2.69 5.17
CA GLY B 198 3.15 -2.73 5.90
C GLY B 198 4.13 -1.58 5.69
N ASN B 199 4.87 -1.29 6.75
CA ASN B 199 6.05 -0.45 6.63
C ASN B 199 5.84 0.91 5.97
N GLY B 200 4.79 1.56 6.38
CA GLY B 200 4.59 2.95 6.16
C GLY B 200 5.40 3.83 7.13
N LEU B 201 5.40 5.13 6.88
CA LEU B 201 6.20 6.03 7.69
C LEU B 201 5.48 7.34 7.80
N VAL B 202 5.10 7.71 9.04
CA VAL B 202 4.44 8.97 9.30
C VAL B 202 5.49 9.86 9.98
N ILE B 203 5.61 11.08 9.45
CA ILE B 203 6.49 12.09 9.95
C ILE B 203 5.69 13.29 10.39
N ASP B 204 6.03 13.83 11.56
CA ASP B 204 5.40 15.03 12.09
C ASP B 204 6.22 16.25 11.62
N ALA B 205 5.59 17.14 10.88
CA ALA B 205 6.32 18.27 10.33
C ALA B 205 6.90 19.23 11.36
N GLU B 206 6.16 19.50 12.41
CA GLU B 206 6.68 20.46 13.40
C GLU B 206 7.94 19.99 14.10
N SER B 207 7.91 18.75 14.54
CA SER B 207 9.00 18.14 15.27
C SER B 207 10.11 17.60 14.38
N GLU B 208 9.78 17.46 13.10
CA GLU B 208 10.68 16.92 12.07
C GLU B 208 11.03 15.41 12.54
N SER B 209 10.11 14.68 13.12
N SER B 209 10.14 14.58 13.20
CA SER B 209 10.38 13.40 13.70
CA SER B 209 10.42 13.31 13.74
C SER B 209 9.36 12.38 13.27
C SER B 209 9.36 12.34 13.31
N VAL B 210 9.78 11.13 13.20
CA VAL B 210 8.86 10.03 13.07
C VAL B 210 8.01 9.97 14.37
N VAL B 211 6.87 9.23 14.36
CA VAL B 211 5.90 9.31 15.42
C VAL B 211 5.78 8.06 16.29
N ILE B 212 6.42 7.00 15.84
CA ILE B 212 6.60 5.81 16.66
C ILE B 212 8.06 5.46 16.79
N LYS B 213 8.36 4.89 17.96
CA LYS B 213 9.77 4.58 18.32
C LYS B 213 10.39 3.37 17.69
N PRO B 214 9.68 2.24 17.57
CA PRO B 214 10.34 1.05 16.95
C PRO B 214 10.63 1.24 15.46
N LYS B 215 11.60 0.47 14.94
CA LYS B 215 11.84 0.37 13.49
C LYS B 215 12.08 1.72 12.82
N GLN B 216 12.72 2.67 13.52
CA GLN B 216 12.92 4.00 12.99
C GLN B 216 11.66 4.67 12.41
N GLY B 217 10.54 4.40 13.05
CA GLY B 217 9.27 5.00 12.73
C GLY B 217 8.44 4.23 11.76
N PHE B 218 8.95 3.13 11.22
CA PHE B 218 8.20 2.36 10.17
C PHE B 218 7.18 1.43 10.85
N GLY B 219 5.96 1.42 10.39
CA GLY B 219 4.93 0.55 10.93
C GLY B 219 3.74 0.36 9.99
N GLY B 220 2.85 -0.55 10.37
CA GLY B 220 1.74 -0.90 9.53
C GLY B 220 0.70 0.20 9.59
N LEU B 221 0.10 0.45 8.42
CA LEU B 221 -0.93 1.46 8.26
C LEU B 221 -2.32 0.83 8.29
N GLY B 222 -3.19 1.50 8.99
CA GLY B 222 -4.63 1.21 8.96
C GLY B 222 -5.46 2.45 8.78
N GLY B 223 -6.76 2.25 8.67
CA GLY B 223 -7.73 3.25 8.53
C GLY B 223 -7.99 3.80 7.12
N LYS B 224 -8.27 5.09 6.98
CA LYS B 224 -8.74 5.64 5.68
C LYS B 224 -7.74 5.48 4.61
N TYR B 225 -6.44 5.45 4.94
CA TYR B 225 -5.44 5.27 3.93
C TYR B 225 -5.63 3.97 3.12
N ILE B 226 -6.25 2.93 3.72
CA ILE B 226 -6.13 1.60 3.14
C ILE B 226 -7.42 0.99 2.64
N LEU B 227 -8.49 1.77 2.68
CA LEU B 227 -9.81 1.23 2.20
C LEU B 227 -9.78 0.69 0.80
N PRO B 228 -9.27 1.48 -0.18
CA PRO B 228 -9.31 0.86 -1.53
C PRO B 228 -8.41 -0.41 -1.71
N THR B 229 -7.27 -0.45 -1.03
CA THR B 229 -6.41 -1.61 -0.96
C THR B 229 -7.20 -2.81 -0.38
N ALA B 230 -7.85 -2.56 0.73
CA ALA B 230 -8.64 -3.62 1.40
C ALA B 230 -9.76 -4.16 0.55
N LEU B 231 -10.55 -3.26 -0.08
CA LEU B 231 -11.60 -3.67 -0.98
C LEU B 231 -11.10 -4.49 -2.15
N ALA B 232 -9.92 -4.16 -2.68
CA ALA B 232 -9.37 -4.87 -3.85
C ALA B 232 -8.96 -6.27 -3.42
N ASN B 233 -8.36 -6.40 -2.23
CA ASN B 233 -7.99 -7.70 -1.78
C ASN B 233 -9.21 -8.58 -1.43
N VAL B 234 -10.19 -7.97 -0.80
CA VAL B 234 -11.48 -8.68 -0.49
C VAL B 234 -12.05 -9.22 -1.82
N ASN B 235 -12.15 -8.41 -2.81
CA ASN B 235 -12.78 -8.82 -4.05
C ASN B 235 -11.91 -9.82 -4.79
N ALA B 236 -10.57 -9.59 -4.81
CA ALA B 236 -9.71 -10.48 -5.54
C ALA B 236 -9.83 -11.89 -5.02
N PHE B 237 -9.87 -12.03 -3.67
CA PHE B 237 -9.96 -13.36 -3.05
C PHE B 237 -11.36 -13.88 -3.16
N TYR B 238 -12.37 -13.02 -3.09
CA TYR B 238 -13.78 -13.45 -3.22
C TYR B 238 -13.91 -14.08 -4.60
N ARG B 239 -13.33 -13.44 -5.62
CA ARG B 239 -13.41 -14.01 -6.98
C ARG B 239 -12.64 -15.33 -7.13
N ARG B 240 -11.53 -15.47 -6.49
CA ARG B 240 -10.58 -16.58 -6.68
C ARG B 240 -10.85 -17.75 -5.80
N CYS B 241 -11.62 -17.53 -4.74
CA CYS B 241 -11.80 -18.57 -3.66
C CYS B 241 -13.29 -18.81 -3.50
N PRO B 242 -13.92 -19.39 -4.52
CA PRO B 242 -15.38 -19.56 -4.41
C PRO B 242 -15.92 -20.49 -3.32
N ASP B 243 -15.10 -21.44 -2.86
CA ASP B 243 -15.45 -22.36 -1.79
C ASP B 243 -15.08 -21.89 -0.40
N LYS B 244 -14.56 -20.64 -0.31
CA LYS B 244 -14.23 -20.05 0.98
C LYS B 244 -15.05 -18.81 1.23
N LEU B 245 -15.10 -18.40 2.49
CA LEU B 245 -15.64 -17.09 2.85
C LEU B 245 -14.46 -16.09 2.86
N VAL B 246 -14.78 -14.81 2.64
CA VAL B 246 -13.84 -13.74 2.82
C VAL B 246 -14.37 -12.84 3.91
N PHE B 247 -13.51 -12.49 4.84
CA PHE B 247 -13.79 -11.50 5.88
C PHE B 247 -13.08 -10.22 5.52
N GLY B 248 -13.75 -9.06 5.50
CA GLY B 248 -13.13 -7.83 5.13
C GLY B 248 -12.60 -7.13 6.34
N CYS B 249 -11.43 -6.54 6.22
CA CYS B 249 -10.84 -5.73 7.24
C CYS B 249 -10.03 -4.62 6.56
N GLY B 250 -10.24 -3.39 6.96
CA GLY B 250 -9.39 -2.26 6.49
C GLY B 250 -10.24 -1.08 6.13
N GLY B 251 -10.08 0.02 6.85
CA GLY B 251 -10.72 1.26 6.50
C GLY B 251 -12.15 1.41 6.79
N VAL B 252 -12.69 0.56 7.68
CA VAL B 252 -14.12 0.70 8.01
C VAL B 252 -14.31 1.74 9.11
N TYR B 253 -14.98 2.86 8.81
CA TYR B 253 -15.36 3.86 9.81
C TYR B 253 -16.89 4.01 9.87
N SER B 254 -17.62 3.50 8.90
CA SER B 254 -19.06 3.83 8.74
C SER B 254 -19.77 2.65 8.17
N GLY B 255 -21.08 2.67 8.23
CA GLY B 255 -21.84 1.65 7.59
C GLY B 255 -21.69 1.66 6.07
N GLU B 256 -21.41 2.79 5.50
CA GLU B 256 -21.16 2.87 4.07
C GLU B 256 -19.89 2.07 3.72
N ASP B 257 -18.85 2.30 4.53
CA ASP B 257 -17.61 1.52 4.31
C ASP B 257 -17.81 0.00 4.42
N ALA B 258 -18.61 -0.43 5.44
CA ALA B 258 -19.04 -1.84 5.58
C ALA B 258 -19.80 -2.36 4.37
N PHE B 259 -20.70 -1.49 3.89
CA PHE B 259 -21.49 -1.80 2.69
C PHE B 259 -20.57 -2.08 1.48
N LEU B 260 -19.54 -1.25 1.32
CA LEU B 260 -18.56 -1.45 0.24
C LEU B 260 -17.78 -2.75 0.39
N HIS B 261 -17.34 -3.06 1.60
CA HIS B 261 -16.73 -4.35 1.89
C HIS B 261 -17.61 -5.53 1.50
N ILE B 262 -18.90 -5.46 1.89
CA ILE B 262 -19.81 -6.52 1.60
C ILE B 262 -20.11 -6.66 0.08
N LEU B 263 -20.29 -5.54 -0.62
CA LEU B 263 -20.41 -5.53 -2.06
C LEU B 263 -19.22 -6.20 -2.73
N ALA B 264 -18.00 -5.99 -2.17
CA ALA B 264 -16.78 -6.60 -2.65
C ALA B 264 -16.68 -8.10 -2.41
N GLY B 265 -17.47 -8.57 -1.44
CA GLY B 265 -17.52 -9.98 -1.12
C GLY B 265 -17.42 -10.39 0.36
N ALA B 266 -17.26 -9.42 1.24
CA ALA B 266 -17.13 -9.73 2.66
C ALA B 266 -18.36 -10.39 3.33
N SER B 267 -18.08 -11.39 4.14
CA SER B 267 -19.07 -11.99 4.99
C SER B 267 -19.08 -11.36 6.36
N MET B 268 -17.97 -11.40 7.05
CA MET B 268 -17.78 -10.60 8.25
C MET B 268 -16.96 -9.36 7.90
N VAL B 269 -17.13 -8.32 8.70
CA VAL B 269 -16.44 -7.07 8.53
C VAL B 269 -15.79 -6.71 9.87
N GLN B 270 -14.47 -6.55 9.81
CA GLN B 270 -13.67 -6.31 10.99
C GLN B 270 -13.30 -4.82 11.06
N VAL B 271 -13.20 -4.33 12.30
CA VAL B 271 -12.92 -2.93 12.53
C VAL B 271 -11.74 -2.78 13.45
N GLY B 272 -10.70 -2.10 12.95
CA GLY B 272 -9.46 -1.92 13.68
C GLY B 272 -9.27 -0.50 14.22
N THR B 273 -8.62 0.32 13.38
CA THR B 273 -8.32 1.74 13.71
C THR B 273 -9.55 2.48 14.19
N ALA B 274 -10.69 2.38 13.52
CA ALA B 274 -11.80 3.19 13.94
C ALA B 274 -12.37 2.77 15.32
N LEU B 275 -12.27 1.49 15.61
CA LEU B 275 -12.57 0.90 16.91
C LEU B 275 -11.59 1.42 17.99
N GLN B 276 -10.33 1.36 17.69
CA GLN B 276 -9.30 1.90 18.59
C GLN B 276 -9.60 3.36 18.93
N GLU B 277 -10.01 4.14 17.94
CA GLU B 277 -10.21 5.56 18.10
C GLU B 277 -11.52 5.92 18.75
N GLU B 278 -12.58 5.23 18.41
CA GLU B 278 -13.95 5.59 18.86
C GLU B 278 -14.46 4.77 20.06
N GLY B 279 -13.94 3.57 20.24
CA GLY B 279 -14.30 2.67 21.26
C GLY B 279 -15.53 1.84 20.80
N PRO B 280 -15.98 0.89 21.64
CA PRO B 280 -16.98 -0.15 21.27
C PRO B 280 -18.39 0.32 20.97
N GLY B 281 -18.68 1.55 21.34
CA GLY B 281 -19.91 2.18 20.87
C GLY B 281 -19.99 2.24 19.36
N ILE B 282 -18.85 2.18 18.65
CA ILE B 282 -18.92 2.23 17.22
C ILE B 282 -19.82 1.14 16.65
N PHE B 283 -19.97 0.01 17.32
CA PHE B 283 -20.72 -1.11 16.71
C PHE B 283 -22.19 -0.78 16.54
N THR B 284 -22.80 -0.06 17.47
CA THR B 284 -24.19 0.30 17.35
C THR B 284 -24.38 1.21 16.19
N ARG B 285 -23.48 2.20 16.02
CA ARG B 285 -23.51 3.13 14.94
C ARG B 285 -23.29 2.44 13.58
N LEU B 286 -22.32 1.53 13.44
CA LEU B 286 -22.09 0.86 12.20
C LEU B 286 -23.34 0.06 11.80
N GLU B 287 -23.94 -0.64 12.73
CA GLU B 287 -25.17 -1.41 12.46
C GLU B 287 -26.27 -0.52 11.95
N ASP B 288 -26.48 0.59 12.64
CA ASP B 288 -27.62 1.48 12.31
C ASP B 288 -27.39 2.01 10.90
N GLU B 289 -26.15 2.44 10.65
CA GLU B 289 -25.81 3.05 9.38
C GLU B 289 -25.92 2.04 8.25
N LEU B 290 -25.50 0.78 8.48
CA LEU B 290 -25.59 -0.26 7.42
C LEU B 290 -27.10 -0.51 7.13
N LEU B 291 -27.90 -0.60 8.19
CA LEU B 291 -29.30 -0.96 7.98
C LEU B 291 -30.00 0.19 7.26
N GLU B 292 -29.57 1.44 7.50
CA GLU B 292 -30.16 2.61 6.87
C GLU B 292 -29.85 2.63 5.35
N ILE B 293 -28.62 2.32 4.97
CA ILE B 293 -28.28 2.21 3.55
C ILE B 293 -29.06 1.06 2.88
N MET B 294 -29.14 -0.09 3.56
CA MET B 294 -29.95 -1.25 3.04
C MET B 294 -31.41 -0.78 2.77
N ALA B 295 -32.02 -0.14 3.77
CA ALA B 295 -33.42 0.25 3.66
C ALA B 295 -33.61 1.24 2.51
N ARG B 296 -32.66 2.14 2.36
CA ARG B 296 -32.83 3.15 1.29
C ARG B 296 -32.75 2.46 -0.08
N LYS B 297 -31.94 1.41 -0.21
CA LYS B 297 -31.75 0.67 -1.45
C LYS B 297 -32.78 -0.49 -1.65
N GLY B 298 -33.59 -0.80 -0.66
CA GLY B 298 -34.48 -1.92 -0.74
C GLY B 298 -33.92 -3.25 -0.42
N TYR B 299 -32.69 -3.31 0.17
CA TYR B 299 -32.13 -4.64 0.46
C TYR B 299 -32.62 -5.11 1.82
N ARG B 300 -33.14 -6.33 1.88
CA ARG B 300 -33.60 -6.91 3.14
C ARG B 300 -32.56 -7.83 3.81
N THR B 301 -31.60 -8.30 3.03
CA THR B 301 -30.59 -9.20 3.48
C THR B 301 -29.21 -8.81 2.99
N LEU B 302 -28.19 -9.26 3.73
CA LEU B 302 -26.82 -9.11 3.17
C LEU B 302 -26.55 -9.95 1.98
N GLU B 303 -27.16 -11.15 1.86
CA GLU B 303 -26.92 -12.01 0.74
C GLU B 303 -27.37 -11.38 -0.59
N GLU B 304 -28.34 -10.48 -0.55
CA GLU B 304 -28.86 -9.86 -1.75
C GLU B 304 -27.80 -9.07 -2.48
N PHE B 305 -26.82 -8.53 -1.72
CA PHE B 305 -25.72 -7.74 -2.31
C PHE B 305 -24.31 -8.16 -2.08
N ARG B 306 -24.06 -9.21 -1.29
CA ARG B 306 -22.70 -9.65 -1.02
C ARG B 306 -22.06 -10.09 -2.31
N GLY B 307 -20.91 -9.48 -2.65
CA GLY B 307 -20.15 -9.83 -3.83
C GLY B 307 -20.67 -9.25 -5.12
N ARG B 308 -21.72 -8.47 -5.02
CA ARG B 308 -22.43 -7.99 -6.24
C ARG B 308 -22.01 -6.64 -6.75
N VAL B 309 -20.80 -6.25 -6.40
CA VAL B 309 -20.21 -5.02 -6.99
C VAL B 309 -20.30 -5.16 -8.51
N LYS B 310 -20.69 -4.11 -9.16
CA LYS B 310 -20.83 -4.08 -10.59
C LYS B 310 -19.54 -3.59 -11.27
N THR B 311 -19.24 -4.18 -12.40
CA THR B 311 -18.08 -3.71 -13.25
C THR B 311 -18.66 -2.96 -14.42
N ILE B 312 -17.81 -2.27 -15.13
CA ILE B 312 -18.23 -1.47 -16.29
C ILE B 312 -17.92 -2.23 -17.58
N GLU B 313 -19.01 -2.47 -18.30
CA GLU B 313 -19.11 -2.92 -19.70
C GLU B 313 -18.72 -4.35 -19.83
#